data_9CP7
#
_entry.id   9CP7
#
_cell.length_a   82.931
_cell.length_b   76.339
_cell.length_c   85.076
_cell.angle_alpha   90.000
_cell.angle_beta   117.038
_cell.angle_gamma   90.000
#
_symmetry.space_group_name_H-M   'P 1 21 1'
#
loop_
_entity.id
_entity.type
_entity.pdbx_description
1 polymer 'Sulfopropanediol 3-dehydrogenase'
2 non-polymer 'ZINC ION'
3 non-polymer '1,4-DIHYDRONICOTINAMIDE ADENINE DINUCLEOTIDE'
4 non-polymer 'CYSTEINESULFONIC ACID'
5 water water
#
_entity_poly.entity_id   1
_entity_poly.type   'polypeptide(L)'
_entity_poly.pdbx_seq_one_letter_code
;GMISYLKKAEKTPQTETATAQKVVTEMLAEIQARGKDAVRQYAKQLDGWSGDIVLTPDQIREQTKDVPAGVRADIDFAIR
QVTDFALAQRESLKEFSVELHPGVTAGQRVLPVNVVGCYAPAGRYAHIASAYMGVATAKAAGVKTVVACSSPFRGQGIHP
HVLYAFQAAGADVIMALGGVQAIASMAYGLFTGKPADVVVGPGNKFVAEAKRSLYGQVGIDVFAGPSEVAVIADETADPA
IVASDLVGQAEHGHESPAWLFTTSRDLADRVMALVPELIAKLPPTARDAATAAWRDYGEVILCGTREEVVEISDRYASEH
LEVHTADLDWWLANLTCYGSLFLGEETTVAFGDKTSGPNHVLPTKGAARYSGGLSVHKFMKTLTWQQMTREATRQIGQVT
ARISRLEGMEAHARTADDRMAKYFPNASFEMGTPVEV
;
_entity_poly.pdbx_strand_id   A,B
#
loop_
_chem_comp.id
_chem_comp.type
_chem_comp.name
_chem_comp.formula
NAI non-polymer '1,4-DIHYDRONICOTINAMIDE ADENINE DINUCLEOTIDE' 'C21 H29 N7 O14 P2'
ZN non-polymer 'ZINC ION' 'Zn 2'
#
# COMPACT_ATOMS: atom_id res chain seq x y z
N MET A 2 12.65 -7.56 -32.97
CA MET A 2 13.91 -7.84 -32.22
C MET A 2 14.52 -6.54 -31.67
N ILE A 3 14.93 -6.63 -30.40
CA ILE A 3 15.40 -5.55 -29.58
C ILE A 3 16.91 -5.76 -29.39
N SER A 4 17.74 -4.74 -29.63
CA SER A 4 19.19 -4.91 -29.54
C SER A 4 19.72 -4.12 -28.36
N TYR A 5 20.45 -4.81 -27.48
CA TYR A 5 21.20 -4.16 -26.42
C TYR A 5 22.56 -3.70 -26.94
N LEU A 6 22.68 -2.39 -27.09
CA LEU A 6 23.91 -1.76 -27.49
C LEU A 6 24.80 -1.61 -26.26
N LYS A 7 24.19 -1.60 -25.07
CA LYS A 7 24.93 -1.64 -23.83
C LYS A 7 24.10 -2.48 -22.86
N LYS A 8 24.71 -3.55 -22.33
CA LYS A 8 24.05 -4.46 -21.41
C LYS A 8 24.76 -4.34 -20.06
N ALA A 9 23.95 -4.27 -19.00
CA ALA A 9 24.47 -4.13 -17.66
C ALA A 9 24.79 -5.49 -17.07
N GLU A 10 25.88 -5.60 -16.30
CA GLU A 10 26.13 -6.79 -15.47
C GLU A 10 25.17 -6.87 -14.27
N LYS A 11 24.72 -5.71 -13.76
CA LYS A 11 23.93 -5.68 -12.53
C LYS A 11 22.60 -4.98 -12.76
N THR A 12 21.62 -5.29 -11.90
CA THR A 12 20.29 -4.68 -11.94
C THR A 12 19.92 -4.26 -10.52
N PRO A 13 18.82 -3.48 -10.32
CA PRO A 13 18.33 -3.21 -8.96
C PRO A 13 18.16 -4.41 -8.03
N GLN A 14 18.09 -5.62 -8.60
CA GLN A 14 17.93 -6.84 -7.82
C GLN A 14 19.26 -7.36 -7.26
N THR A 15 20.39 -6.99 -7.88
CA THR A 15 21.68 -7.60 -7.56
C THR A 15 21.99 -7.50 -6.07
N GLU A 16 21.74 -6.33 -5.45
CA GLU A 16 22.15 -6.08 -4.07
C GLU A 16 21.09 -6.47 -3.02
N THR A 17 20.03 -7.15 -3.43
CA THR A 17 18.94 -7.49 -2.53
C THR A 17 19.46 -8.27 -1.32
N ALA A 18 20.24 -9.34 -1.53
CA ALA A 18 20.62 -10.21 -0.42
C ALA A 18 21.46 -9.48 0.62
N THR A 19 22.31 -8.57 0.15
CA THR A 19 23.18 -7.78 1.01
C THR A 19 22.34 -6.88 1.92
N ALA A 20 21.31 -6.24 1.34
CA ALA A 20 20.48 -5.32 2.11
C ALA A 20 19.69 -6.10 3.15
N GLN A 21 19.15 -7.26 2.76
CA GLN A 21 18.29 -8.05 3.63
C GLN A 21 19.03 -8.58 4.85
N LYS A 22 20.30 -8.94 4.70
CA LYS A 22 21.07 -9.53 5.77
C LYS A 22 21.31 -8.48 6.87
N VAL A 23 21.72 -7.27 6.44
CA VAL A 23 21.92 -6.18 7.39
C VAL A 23 20.61 -5.82 8.07
N VAL A 24 19.55 -5.58 7.30
CA VAL A 24 18.30 -5.13 7.89
C VAL A 24 17.74 -6.18 8.85
N THR A 25 17.83 -7.48 8.50
CA THR A 25 17.35 -8.52 9.39
C THR A 25 18.05 -8.44 10.75
N GLU A 26 19.37 -8.25 10.74
CA GLU A 26 20.15 -8.21 11.96
C GLU A 26 19.80 -6.97 12.75
N MET A 27 19.70 -5.82 12.08
CA MET A 27 19.48 -4.58 12.82
C MET A 27 18.06 -4.54 13.42
N LEU A 28 17.05 -4.95 12.66
CA LEU A 28 15.69 -4.88 13.17
C LEU A 28 15.50 -5.85 14.33
N ALA A 29 16.15 -7.01 14.28
CA ALA A 29 16.16 -7.92 15.42
C ALA A 29 16.74 -7.24 16.67
N GLU A 30 17.90 -6.58 16.56
CA GLU A 30 18.50 -5.91 17.69
C GLU A 30 17.57 -4.82 18.22
N ILE A 31 16.98 -4.01 17.34
CA ILE A 31 16.15 -2.91 17.79
C ILE A 31 14.86 -3.40 18.43
N GLN A 32 14.25 -4.45 17.87
CA GLN A 32 13.07 -5.04 18.49
C GLN A 32 13.40 -5.55 19.89
N ALA A 33 14.57 -6.18 20.06
CA ALA A 33 15.00 -6.67 21.38
C ALA A 33 15.38 -5.54 22.35
N ARG A 34 16.11 -4.51 21.90
CA ARG A 34 16.83 -3.63 22.79
C ARG A 34 16.36 -2.18 22.73
N GLY A 35 15.49 -1.83 21.77
CA GLY A 35 14.90 -0.50 21.69
C GLY A 35 15.93 0.61 21.57
N LYS A 36 15.76 1.67 22.37
CA LYS A 36 16.62 2.85 22.31
C LYS A 36 18.10 2.49 22.46
N ASP A 37 18.41 1.45 23.24
CA ASP A 37 19.80 1.06 23.49
C ASP A 37 20.45 0.68 22.17
N ALA A 38 19.75 -0.12 21.35
CA ALA A 38 20.31 -0.53 20.07
C ALA A 38 20.38 0.66 19.11
N VAL A 39 19.36 1.53 19.13
CA VAL A 39 19.37 2.67 18.23
C VAL A 39 20.54 3.62 18.56
N ARG A 40 20.78 3.89 19.85
CA ARG A 40 21.88 4.76 20.22
CA ARG A 40 21.89 4.74 20.26
C ARG A 40 23.20 4.11 19.82
N GLN A 41 23.30 2.78 19.93
CA GLN A 41 24.50 2.07 19.53
C GLN A 41 24.75 2.29 18.04
N TYR A 42 23.71 2.09 17.21
CA TYR A 42 23.89 2.19 15.77
C TYR A 42 24.20 3.62 15.36
N ALA A 43 23.57 4.60 16.01
CA ALA A 43 23.83 5.99 15.70
C ALA A 43 25.33 6.31 15.93
N LYS A 44 25.89 5.76 17.00
CA LYS A 44 27.31 5.97 17.31
C LYS A 44 28.19 5.22 16.33
N GLN A 45 27.89 3.95 16.09
CA GLN A 45 28.76 3.09 15.31
C GLN A 45 28.68 3.37 13.81
N LEU A 46 27.48 3.64 13.33
CA LEU A 46 27.31 3.88 11.90
C LEU A 46 27.58 5.34 11.57
N ASP A 47 27.10 6.27 12.40
CA ASP A 47 27.09 7.67 12.01
C ASP A 47 27.98 8.53 12.90
N GLY A 48 28.68 7.94 13.88
CA GLY A 48 29.61 8.69 14.72
C GLY A 48 28.93 9.61 15.71
N TRP A 49 27.63 9.40 15.95
CA TRP A 49 26.83 10.35 16.69
C TRP A 49 26.58 9.87 18.13
N SER A 50 26.95 10.73 19.10
CA SER A 50 26.60 10.45 20.48
C SER A 50 25.81 11.59 21.10
N GLY A 51 25.36 12.56 20.30
CA GLY A 51 24.49 13.60 20.80
C GLY A 51 23.07 13.12 21.11
N ASP A 52 22.25 14.04 21.59
CA ASP A 52 20.82 13.81 21.76
C ASP A 52 20.18 13.60 20.39
N ILE A 53 19.12 12.80 20.36
CA ILE A 53 18.52 12.42 19.09
C ILE A 53 17.35 13.35 18.74
N VAL A 54 16.45 13.64 19.69
CA VAL A 54 15.35 14.54 19.43
C VAL A 54 15.83 15.99 19.60
N LEU A 55 15.59 16.84 18.61
CA LEU A 55 16.00 18.23 18.69
C LEU A 55 14.92 19.01 19.46
N THR A 56 15.35 19.97 20.31
CA THR A 56 14.38 20.87 20.91
C THR A 56 14.05 21.98 19.92
N PRO A 57 12.86 22.61 20.05
CA PRO A 57 12.54 23.81 19.27
C PRO A 57 13.69 24.83 19.29
N ASP A 58 14.35 24.98 20.44
CA ASP A 58 15.43 25.93 20.54
C ASP A 58 16.66 25.52 19.72
N GLN A 59 17.00 24.23 19.69
CA GLN A 59 18.13 23.80 18.87
C GLN A 59 17.84 23.99 17.38
N ILE A 60 16.59 23.76 16.97
CA ILE A 60 16.19 23.93 15.57
C ILE A 60 16.45 25.39 15.17
N ARG A 61 16.06 26.35 16.01
CA ARG A 61 16.27 27.76 15.71
C ARG A 61 17.76 28.07 15.60
N GLU A 62 18.54 27.57 16.57
CA GLU A 62 19.96 27.85 16.65
C GLU A 62 20.67 27.29 15.41
N GLN A 63 20.30 26.07 15.02
CA GLN A 63 20.99 25.37 13.95
C GLN A 63 20.66 25.96 12.58
N THR A 64 19.59 26.74 12.48
CA THR A 64 19.17 27.31 11.20
C THR A 64 19.31 28.84 11.17
N LYS A 65 19.87 29.44 12.23
CA LYS A 65 19.77 30.89 12.37
C LYS A 65 20.58 31.58 11.28
N ASP A 66 21.58 30.91 10.71
CA ASP A 66 22.46 31.52 9.73
C ASP A 66 22.11 31.11 8.28
N VAL A 67 21.03 30.38 8.07
CA VAL A 67 20.67 29.98 6.72
C VAL A 67 20.28 31.25 5.98
N PRO A 68 20.93 31.61 4.86
CA PRO A 68 20.70 32.91 4.18
C PRO A 68 19.31 33.07 3.58
N ALA A 69 18.90 34.32 3.38
CA ALA A 69 17.58 34.62 2.85
C ALA A 69 17.36 33.99 1.48
N GLY A 70 18.39 34.01 0.62
CA GLY A 70 18.25 33.48 -0.74
C GLY A 70 18.04 31.96 -0.77
N VAL A 71 18.68 31.25 0.16
CA VAL A 71 18.48 29.81 0.30
C VAL A 71 17.06 29.54 0.79
N ARG A 72 16.60 30.30 1.79
CA ARG A 72 15.24 30.17 2.30
CA ARG A 72 15.24 30.15 2.31
C ARG A 72 14.22 30.44 1.20
N ALA A 73 14.47 31.44 0.36
CA ALA A 73 13.51 31.80 -0.67
C ALA A 73 13.33 30.66 -1.69
N ASP A 74 14.44 30.01 -2.05
CA ASP A 74 14.40 28.89 -2.99
C ASP A 74 13.62 27.71 -2.40
N ILE A 75 13.94 27.35 -1.16
CA ILE A 75 13.27 26.24 -0.51
C ILE A 75 11.78 26.54 -0.33
N ASP A 76 11.45 27.79 0.05
CA ASP A 76 10.07 28.20 0.22
C ASP A 76 9.30 28.07 -1.11
N PHE A 77 9.92 28.48 -2.22
CA PHE A 77 9.29 28.36 -3.52
C PHE A 77 8.97 26.89 -3.84
N ALA A 78 9.95 26.02 -3.61
CA ALA A 78 9.78 24.61 -3.91
C ALA A 78 8.68 24.00 -3.03
N ILE A 79 8.63 24.39 -1.74
CA ILE A 79 7.60 23.90 -0.85
C ILE A 79 6.23 24.31 -1.39
N ARG A 80 6.10 25.54 -1.89
CA ARG A 80 4.83 26.01 -2.44
C ARG A 80 4.41 25.18 -3.65
N GLN A 81 5.36 24.77 -4.49
CA GLN A 81 5.04 24.03 -5.69
C GLN A 81 4.53 22.63 -5.31
N VAL A 82 5.22 21.96 -4.40
CA VAL A 82 4.84 20.64 -3.92
C VAL A 82 3.47 20.73 -3.23
N THR A 83 3.24 21.78 -2.42
CA THR A 83 1.96 21.93 -1.73
C THR A 83 0.82 22.13 -2.74
N ASP A 84 1.04 22.97 -3.74
CA ASP A 84 0.04 23.25 -4.75
C ASP A 84 -0.37 21.96 -5.47
N PHE A 85 0.60 21.13 -5.87
CA PHE A 85 0.24 19.93 -6.58
C PHE A 85 -0.43 18.93 -5.63
N ALA A 86 0.05 18.86 -4.36
CA ALA A 86 -0.50 17.96 -3.38
C ALA A 86 -1.96 18.29 -3.11
N LEU A 87 -2.29 19.58 -3.06
CA LEU A 87 -3.68 19.97 -2.82
C LEU A 87 -4.57 19.61 -4.02
N ALA A 88 -4.03 19.69 -5.23
CA ALA A 88 -4.77 19.26 -6.40
C ALA A 88 -5.00 17.75 -6.35
N GLN A 89 -4.00 16.96 -5.92
CA GLN A 89 -4.17 15.52 -5.80
C GLN A 89 -5.22 15.21 -4.73
N ARG A 90 -5.19 15.98 -3.64
CA ARG A 90 -6.15 15.75 -2.58
C ARG A 90 -7.57 15.85 -3.13
N GLU A 91 -7.81 16.82 -4.02
CA GLU A 91 -9.17 17.06 -4.52
C GLU A 91 -9.66 15.92 -5.42
N SER A 92 -8.73 15.09 -5.92
CA SER A 92 -9.02 14.05 -6.89
C SER A 92 -9.65 12.78 -6.29
N LEU A 93 -9.64 12.64 -4.96
CA LEU A 93 -10.24 11.49 -4.28
C LEU A 93 -11.39 11.99 -3.43
N LYS A 94 -12.61 11.58 -3.75
CA LYS A 94 -13.83 12.09 -3.12
C LYS A 94 -14.44 11.08 -2.16
N GLU A 95 -15.09 11.62 -1.12
CA GLU A 95 -16.06 10.84 -0.34
C GLU A 95 -17.38 10.79 -1.10
N PHE A 96 -18.18 9.75 -0.83
CA PHE A 96 -19.48 9.61 -1.47
C PHE A 96 -20.33 8.61 -0.68
N SER A 97 -21.64 8.60 -0.97
CA SER A 97 -22.52 7.52 -0.57
C SER A 97 -23.44 7.19 -1.74
N VAL A 98 -23.89 5.93 -1.80
CA VAL A 98 -24.74 5.44 -2.88
C VAL A 98 -25.79 4.50 -2.29
N GLU A 99 -26.94 4.38 -2.99
CA GLU A 99 -27.89 3.32 -2.67
C GLU A 99 -27.52 2.11 -3.51
N LEU A 100 -27.46 0.93 -2.88
CA LEU A 100 -27.23 -0.31 -3.59
C LEU A 100 -28.58 -1.03 -3.75
N HIS A 101 -28.76 -2.21 -3.13
CA HIS A 101 -30.10 -2.77 -3.01
C HIS A 101 -30.96 -1.75 -2.28
N PRO A 102 -32.26 -1.55 -2.66
CA PRO A 102 -33.07 -0.54 -1.98
C PRO A 102 -33.02 -0.67 -0.46
N GLY A 103 -32.73 0.48 0.17
CA GLY A 103 -32.59 0.59 1.62
C GLY A 103 -31.18 0.33 2.11
N VAL A 104 -30.26 -0.07 1.22
CA VAL A 104 -28.85 -0.24 1.56
C VAL A 104 -28.14 1.05 1.13
N THR A 105 -27.64 1.80 2.11
CA THR A 105 -26.77 2.94 1.87
C THR A 105 -25.34 2.52 2.19
N ALA A 106 -24.42 2.77 1.26
CA ALA A 106 -23.02 2.47 1.48
C ALA A 106 -22.19 3.66 1.03
N GLY A 107 -21.10 3.90 1.74
CA GLY A 107 -20.29 5.06 1.41
C GLY A 107 -18.81 4.83 1.68
N GLN A 108 -18.05 5.85 1.29
CA GLN A 108 -16.61 5.86 1.44
C GLN A 108 -16.23 7.14 2.18
N ARG A 109 -15.47 6.95 3.27
CA ARG A 109 -14.88 8.01 4.07
C ARG A 109 -13.40 8.06 3.73
N VAL A 110 -12.86 9.27 3.67
CA VAL A 110 -11.47 9.47 3.31
C VAL A 110 -10.84 10.28 4.43
N LEU A 111 -9.99 9.62 5.23
CA LEU A 111 -9.52 10.20 6.50
C LEU A 111 -7.99 10.13 6.54
N PRO A 112 -7.30 11.22 6.94
CA PRO A 112 -5.85 11.17 7.10
C PRO A 112 -5.43 10.32 8.29
N VAL A 113 -4.26 9.69 8.18
CA VAL A 113 -3.70 8.96 9.32
C VAL A 113 -3.29 9.95 10.41
N ASN A 114 -3.02 9.44 11.60
CA ASN A 114 -2.76 10.28 12.77
C ASN A 114 -1.30 10.74 12.82
N VAL A 115 -0.37 9.81 12.59
CA VAL A 115 1.06 10.10 12.75
C VAL A 115 1.82 9.57 11.53
N VAL A 116 2.68 10.41 10.97
CA VAL A 116 3.54 10.05 9.86
C VAL A 116 4.99 10.26 10.29
N GLY A 117 5.87 9.31 9.94
CA GLY A 117 7.31 9.51 10.02
C GLY A 117 7.90 9.72 8.62
N CYS A 118 8.70 10.78 8.45
CA CYS A 118 9.30 11.12 7.17
C CYS A 118 10.81 10.99 7.30
N TYR A 119 11.46 10.30 6.36
CA TYR A 119 12.92 10.23 6.32
C TYR A 119 13.42 11.06 5.14
N ALA A 120 14.46 11.86 5.38
CA ALA A 120 15.19 12.55 4.32
C ALA A 120 16.64 12.05 4.35
N PRO A 121 17.13 11.40 3.29
CA PRO A 121 18.47 10.86 3.30
C PRO A 121 19.57 11.90 3.37
N ALA A 122 20.69 11.49 3.96
CA ALA A 122 21.92 12.28 3.94
C ALA A 122 23.08 11.33 4.11
N GLY A 123 23.94 11.27 3.10
CA GLY A 123 25.02 10.29 3.09
C GLY A 123 26.05 10.76 2.09
N ARG A 124 25.88 10.33 0.84
CA ARG A 124 26.68 10.85 -0.25
C ARG A 124 26.40 12.34 -0.46
N TYR A 125 25.10 12.70 -0.55
CA TYR A 125 24.63 14.08 -0.65
C TYR A 125 23.66 14.34 0.51
N ALA A 126 23.31 15.60 0.73
CA ALA A 126 22.28 15.98 1.71
C ALA A 126 20.98 16.27 0.96
N HIS A 127 19.90 15.53 1.28
CA HIS A 127 18.68 15.61 0.48
C HIS A 127 17.68 16.64 1.01
N ILE A 128 17.93 17.90 0.64
CA ILE A 128 17.15 19.06 1.05
C ILE A 128 15.75 18.90 0.48
N ALA A 129 15.67 18.55 -0.81
CA ALA A 129 14.37 18.40 -1.44
C ALA A 129 13.57 17.24 -0.84
N SER A 130 14.20 16.09 -0.54
CA SER A 130 13.48 15.00 0.09
C SER A 130 12.83 15.46 1.40
N ALA A 131 13.50 16.36 2.11
CA ALA A 131 13.01 16.86 3.40
C ALA A 131 11.63 17.51 3.26
N TYR A 132 11.39 18.33 2.23
CA TYR A 132 10.06 18.90 2.06
C TYR A 132 9.11 17.98 1.28
N MET A 133 9.60 17.06 0.44
CA MET A 133 8.71 16.15 -0.26
C MET A 133 7.80 15.37 0.68
N GLY A 134 8.35 14.84 1.78
CA GLY A 134 7.57 14.06 2.74
C GLY A 134 6.69 14.97 3.61
N VAL A 135 7.33 15.87 4.33
CA VAL A 135 6.63 16.66 5.34
C VAL A 135 5.55 17.55 4.70
N ALA A 136 5.85 18.25 3.60
CA ALA A 136 4.89 19.15 2.98
C ALA A 136 3.67 18.38 2.49
N THR A 137 3.88 17.16 2.00
CA THR A 137 2.79 16.32 1.50
C THR A 137 1.94 15.87 2.67
N ALA A 138 2.56 15.45 3.78
CA ALA A 138 1.83 15.00 4.96
C ALA A 138 0.96 16.14 5.50
N LYS A 139 1.49 17.36 5.52
CA LYS A 139 0.75 18.52 5.98
C LYS A 139 -0.38 18.86 5.00
N ALA A 140 -0.17 18.65 3.69
CA ALA A 140 -1.23 18.93 2.73
C ALA A 140 -2.39 17.96 2.92
N ALA A 141 -2.08 16.74 3.37
CA ALA A 141 -3.05 15.69 3.57
C ALA A 141 -3.84 15.87 4.88
N GLY A 142 -3.38 16.77 5.76
CA GLY A 142 -4.08 17.05 7.00
C GLY A 142 -3.62 16.16 8.15
N VAL A 143 -2.43 15.57 8.05
CA VAL A 143 -1.91 14.77 9.13
C VAL A 143 -1.47 15.68 10.28
N LYS A 144 -1.92 15.36 11.48
CA LYS A 144 -1.73 16.25 12.63
C LYS A 144 -0.37 16.09 13.28
N THR A 145 0.28 14.91 13.20
CA THR A 145 1.61 14.77 13.79
C THR A 145 2.60 14.24 12.75
N VAL A 146 3.63 15.03 12.46
CA VAL A 146 4.68 14.61 11.54
C VAL A 146 6.02 14.60 12.26
N VAL A 147 6.62 13.41 12.31
CA VAL A 147 7.95 13.18 12.86
C VAL A 147 8.91 13.05 11.68
N ALA A 148 10.03 13.77 11.73
CA ALA A 148 10.98 13.78 10.62
C ALA A 148 12.38 13.43 11.13
N CYS A 149 13.08 12.60 10.35
CA CYS A 149 14.46 12.20 10.64
C CYS A 149 15.36 12.44 9.44
N SER A 150 16.60 12.87 9.69
CA SER A 150 17.64 12.84 8.69
C SER A 150 18.96 12.49 9.36
N SER A 151 19.84 11.84 8.65
CA SER A 151 21.09 11.36 9.21
C SER A 151 21.99 12.52 9.60
N PRO A 152 22.75 12.38 10.71
CA PRO A 152 23.86 13.30 10.96
C PRO A 152 24.75 13.31 9.72
N PHE A 153 25.20 14.50 9.32
CA PHE A 153 25.90 14.66 8.06
C PHE A 153 27.23 15.35 8.31
N ARG A 154 28.29 14.74 7.79
CA ARG A 154 29.64 15.30 7.72
C ARG A 154 30.11 15.81 9.07
N GLY A 155 29.94 14.99 10.10
CA GLY A 155 30.55 15.25 11.40
C GLY A 155 29.72 16.17 12.27
N GLN A 156 28.67 16.80 11.71
CA GLN A 156 27.73 17.62 12.46
C GLN A 156 26.41 16.86 12.55
N GLY A 157 25.38 17.55 13.00
CA GLY A 157 24.06 16.96 13.06
C GLY A 157 23.38 17.05 11.69
N ILE A 158 22.08 17.27 11.70
CA ILE A 158 21.32 17.36 10.48
C ILE A 158 21.84 18.54 9.65
N HIS A 159 21.98 18.33 8.35
CA HIS A 159 22.39 19.41 7.48
C HIS A 159 21.46 20.60 7.71
N PRO A 160 21.98 21.84 7.93
CA PRO A 160 21.13 22.99 8.24
C PRO A 160 20.03 23.30 7.22
N HIS A 161 20.27 23.00 5.94
CA HIS A 161 19.30 23.29 4.89
C HIS A 161 18.21 22.23 4.86
N VAL A 162 18.58 20.99 5.21
CA VAL A 162 17.62 19.92 5.42
C VAL A 162 16.71 20.30 6.60
N LEU A 163 17.33 20.81 7.68
CA LEU A 163 16.60 21.13 8.88
C LEU A 163 15.65 22.30 8.63
N TYR A 164 16.11 23.29 7.85
CA TYR A 164 15.28 24.42 7.48
C TYR A 164 14.07 23.94 6.66
N ALA A 165 14.32 23.02 5.71
CA ALA A 165 13.23 22.43 4.93
C ALA A 165 12.19 21.72 5.80
N PHE A 166 12.62 20.89 6.73
CA PHE A 166 11.71 20.18 7.60
C PHE A 166 10.85 21.17 8.38
N GLN A 167 11.51 22.21 8.93
CA GLN A 167 10.85 23.18 9.80
C GLN A 167 9.86 24.02 9.00
N ALA A 168 10.29 24.51 7.83
CA ALA A 168 9.45 25.34 6.98
C ALA A 168 8.26 24.53 6.43
N ALA A 169 8.46 23.23 6.18
CA ALA A 169 7.41 22.39 5.64
C ALA A 169 6.38 22.01 6.71
N GLY A 170 6.73 22.10 8.00
CA GLY A 170 5.74 21.91 9.05
C GLY A 170 6.00 20.71 9.98
N ALA A 171 7.22 20.17 10.08
CA ALA A 171 7.45 19.02 10.93
C ALA A 171 7.20 19.37 12.41
N ASP A 172 6.65 18.42 13.15
CA ASP A 172 6.29 18.64 14.53
C ASP A 172 7.42 18.22 15.45
N VAL A 173 8.12 17.16 15.05
CA VAL A 173 9.23 16.62 15.81
C VAL A 173 10.35 16.33 14.82
N ILE A 174 11.58 16.68 15.17
CA ILE A 174 12.72 16.44 14.28
C ILE A 174 13.79 15.68 15.06
N MET A 175 14.32 14.62 14.45
CA MET A 175 15.32 13.77 15.07
C MET A 175 16.57 13.70 14.17
N ALA A 176 17.74 13.79 14.80
CA ALA A 176 19.00 13.58 14.13
C ALA A 176 19.31 12.09 14.19
N LEU A 177 18.97 11.38 13.11
CA LEU A 177 18.94 9.93 13.16
C LEU A 177 18.86 9.44 11.72
N GLY A 178 19.74 8.49 11.37
CA GLY A 178 19.86 8.03 10.00
C GLY A 178 19.50 6.56 9.81
N GLY A 179 19.28 6.18 8.55
CA GLY A 179 19.32 4.81 8.08
C GLY A 179 18.22 3.93 8.67
N VAL A 180 18.55 2.65 8.83
CA VAL A 180 17.59 1.65 9.30
C VAL A 180 17.11 2.05 10.69
N GLN A 181 18.02 2.57 11.52
CA GLN A 181 17.68 2.92 12.89
C GLN A 181 16.64 4.04 12.95
N ALA A 182 16.68 4.96 11.98
CA ALA A 182 15.69 6.01 11.86
C ALA A 182 14.32 5.44 11.49
N ILE A 183 14.30 4.56 10.49
CA ILE A 183 13.06 3.98 10.03
C ILE A 183 12.40 3.21 11.18
N ALA A 184 13.20 2.38 11.84
CA ALA A 184 12.71 1.56 12.94
C ALA A 184 12.22 2.43 14.09
N SER A 185 12.97 3.48 14.43
CA SER A 185 12.58 4.37 15.52
C SER A 185 11.22 5.01 15.26
N MET A 186 10.99 5.43 14.02
CA MET A 186 9.74 6.07 13.66
C MET A 186 8.59 5.03 13.71
N ALA A 187 8.85 3.82 13.20
CA ALA A 187 7.85 2.76 13.25
C ALA A 187 7.45 2.41 14.67
N TYR A 188 8.39 2.40 15.62
CA TYR A 188 8.09 1.92 16.98
C TYR A 188 7.81 3.06 17.95
N GLY A 189 7.98 4.31 17.50
CA GLY A 189 7.81 5.47 18.36
C GLY A 189 8.90 5.61 19.42
N LEU A 190 10.12 5.10 19.15
CA LEU A 190 11.23 5.29 20.06
C LEU A 190 11.59 6.78 20.14
N PHE A 191 11.88 7.24 21.37
CA PHE A 191 12.33 8.60 21.64
C PHE A 191 11.15 9.57 21.74
N THR A 192 10.05 9.36 20.99
CA THR A 192 8.94 10.30 20.94
C THR A 192 7.73 9.77 21.70
N GLY A 193 7.60 8.44 21.81
CA GLY A 193 6.41 7.78 22.29
C GLY A 193 5.24 7.91 21.30
N LYS A 194 5.51 8.25 20.03
CA LYS A 194 4.47 8.45 19.04
C LYS A 194 4.72 7.51 17.85
N PRO A 195 4.33 6.22 17.92
CA PRO A 195 4.57 5.30 16.81
C PRO A 195 3.87 5.84 15.56
N ALA A 196 4.54 5.74 14.41
CA ALA A 196 3.94 6.22 13.19
C ALA A 196 2.86 5.23 12.72
N ASP A 197 1.87 5.76 12.03
CA ASP A 197 0.90 4.98 11.28
C ASP A 197 1.48 4.65 9.91
N VAL A 198 2.17 5.63 9.32
CA VAL A 198 2.77 5.48 8.01
C VAL A 198 4.19 6.04 8.07
N VAL A 199 5.14 5.32 7.48
CA VAL A 199 6.51 5.81 7.33
C VAL A 199 6.82 5.97 5.84
N VAL A 200 7.38 7.12 5.49
CA VAL A 200 7.64 7.45 4.11
C VAL A 200 9.07 7.93 3.94
N GLY A 201 9.50 7.97 2.68
CA GLY A 201 10.72 8.68 2.34
C GLY A 201 11.71 7.77 1.65
N PRO A 202 12.65 8.36 0.92
CA PRO A 202 13.59 7.59 0.11
C PRO A 202 14.88 7.28 0.85
N GLY A 203 15.65 6.33 0.32
CA GLY A 203 16.96 6.10 0.89
C GLY A 203 17.72 5.03 0.11
N ASN A 204 18.87 4.65 0.68
CA ASN A 204 19.71 3.63 0.09
C ASN A 204 18.98 2.30 0.22
N LYS A 205 19.64 1.24 -0.26
CA LYS A 205 19.04 -0.09 -0.26
C LYS A 205 18.69 -0.58 1.14
N PHE A 206 19.43 -0.16 2.16
CA PHE A 206 19.15 -0.56 3.54
C PHE A 206 17.89 0.14 4.07
N VAL A 207 17.78 1.45 3.84
CA VAL A 207 16.61 2.22 4.23
C VAL A 207 15.35 1.64 3.59
N ALA A 208 15.44 1.40 2.26
CA ALA A 208 14.28 0.93 1.52
C ALA A 208 13.86 -0.46 1.99
N GLU A 209 14.83 -1.35 2.20
CA GLU A 209 14.54 -2.67 2.74
C GLU A 209 13.96 -2.62 4.16
N ALA A 210 14.45 -1.70 5.00
CA ALA A 210 13.89 -1.56 6.35
C ALA A 210 12.40 -1.19 6.28
N LYS A 211 12.06 -0.22 5.42
CA LYS A 211 10.66 0.13 5.26
C LYS A 211 9.82 -1.05 4.76
N ARG A 212 10.34 -1.75 3.75
CA ARG A 212 9.63 -2.89 3.19
C ARG A 212 9.38 -3.97 4.25
N SER A 213 10.38 -4.19 5.12
CA SER A 213 10.31 -5.25 6.12
CA SER A 213 10.34 -5.22 6.15
C SER A 213 9.33 -4.86 7.24
N LEU A 214 9.22 -3.56 7.53
CA LEU A 214 8.40 -3.06 8.62
C LEU A 214 6.93 -2.87 8.20
N TYR A 215 6.65 -3.00 6.91
CA TYR A 215 5.29 -2.97 6.41
C TYR A 215 4.44 -3.98 7.19
N GLY A 216 3.30 -3.51 7.70
CA GLY A 216 2.46 -4.30 8.59
C GLY A 216 2.46 -3.68 9.98
N GLN A 217 3.64 -3.49 10.57
CA GLN A 217 3.78 -2.62 11.73
C GLN A 217 3.30 -1.22 11.37
N VAL A 218 3.65 -0.76 10.15
CA VAL A 218 3.25 0.55 9.68
C VAL A 218 2.82 0.40 8.23
N GLY A 219 2.08 1.39 7.73
CA GLY A 219 1.92 1.53 6.30
C GLY A 219 3.13 2.25 5.74
N ILE A 220 3.29 2.20 4.42
CA ILE A 220 4.37 2.94 3.78
C ILE A 220 3.80 3.61 2.54
N ASP A 221 4.61 4.51 1.96
CA ASP A 221 4.37 5.06 0.64
C ASP A 221 4.69 4.02 -0.43
N VAL A 222 5.96 3.71 -0.63
CA VAL A 222 6.38 2.79 -1.67
C VAL A 222 7.85 2.44 -1.45
N PHE A 223 8.30 1.35 -2.07
CA PHE A 223 9.71 1.00 -2.07
C PHE A 223 10.50 2.02 -2.88
N ALA A 224 11.27 2.87 -2.18
CA ALA A 224 11.92 4.02 -2.76
C ALA A 224 13.41 3.96 -2.49
N GLY A 225 14.10 3.20 -3.35
CA GLY A 225 15.51 2.95 -3.18
C GLY A 225 16.36 3.70 -4.18
N PRO A 226 17.61 3.25 -4.44
CA PRO A 226 18.51 3.98 -5.34
C PRO A 226 17.86 4.45 -6.64
N SER A 227 18.12 5.71 -6.96
CA SER A 227 17.43 6.40 -8.04
C SER A 227 17.70 5.72 -9.37
N GLU A 228 16.69 5.79 -10.24
CA GLU A 228 16.77 5.24 -11.58
C GLU A 228 16.26 6.30 -12.56
N VAL A 229 16.78 6.28 -13.79
CA VAL A 229 16.28 7.16 -14.83
C VAL A 229 16.23 6.39 -16.13
N ALA A 230 15.14 6.57 -16.87
CA ALA A 230 15.03 6.06 -18.22
C ALA A 230 14.65 7.23 -19.13
N VAL A 231 15.19 7.21 -20.36
CA VAL A 231 14.87 8.16 -21.39
C VAL A 231 14.42 7.36 -22.62
N ILE A 232 13.26 7.75 -23.15
CA ILE A 232 12.79 7.35 -24.45
C ILE A 232 13.12 8.48 -25.41
N ALA A 233 13.84 8.16 -26.51
CA ALA A 233 14.22 9.16 -27.49
C ALA A 233 14.02 8.63 -28.91
N ASP A 234 13.56 9.52 -29.82
CA ASP A 234 13.56 9.22 -31.24
C ASP A 234 14.63 10.07 -31.91
N GLU A 235 14.64 10.10 -33.24
CA GLU A 235 15.62 10.86 -34.00
C GLU A 235 15.51 12.38 -33.80
N THR A 236 14.39 12.88 -33.25
CA THR A 236 14.18 14.30 -32.97
C THR A 236 14.97 14.74 -31.72
N ALA A 237 15.47 13.80 -30.92
CA ALA A 237 16.05 14.17 -29.63
C ALA A 237 17.47 14.71 -29.79
N ASP A 238 17.93 15.44 -28.77
CA ASP A 238 19.27 16.02 -28.75
C ASP A 238 20.17 15.15 -27.89
N PRO A 239 21.18 14.49 -28.49
CA PRO A 239 22.03 13.59 -27.71
C PRO A 239 22.76 14.24 -26.54
N ALA A 240 23.10 15.53 -26.65
CA ALA A 240 23.81 16.20 -25.57
C ALA A 240 22.91 16.32 -24.33
N ILE A 241 21.63 16.60 -24.55
CA ILE A 241 20.69 16.73 -23.46
C ILE A 241 20.35 15.34 -22.89
N VAL A 242 20.14 14.36 -23.78
CA VAL A 242 19.88 13.00 -23.32
C VAL A 242 21.02 12.51 -22.42
N ALA A 243 22.27 12.69 -22.87
CA ALA A 243 23.42 12.20 -22.11
C ALA A 243 23.50 12.91 -20.77
N SER A 244 23.28 14.23 -20.78
CA SER A 244 23.30 15.03 -19.56
C SER A 244 22.27 14.52 -18.55
N ASP A 245 21.06 14.17 -19.01
CA ASP A 245 19.99 13.73 -18.14
C ASP A 245 20.31 12.36 -17.52
N LEU A 246 20.93 11.46 -18.31
CA LEU A 246 21.33 10.16 -17.76
C LEU A 246 22.38 10.30 -16.67
N VAL A 247 23.41 11.10 -16.92
CA VAL A 247 24.48 11.33 -15.99
C VAL A 247 23.96 12.03 -14.73
N GLY A 248 22.97 12.91 -14.92
CA GLY A 248 22.33 13.61 -13.82
C GLY A 248 21.93 12.66 -12.68
N GLN A 249 21.25 11.56 -12.98
CA GLN A 249 20.81 10.64 -11.93
C GLN A 249 21.87 9.57 -11.63
N ALA A 250 22.78 9.29 -12.55
CA ALA A 250 23.84 8.33 -12.27
C ALA A 250 24.76 8.77 -11.13
N GLU A 251 24.89 10.09 -10.90
CA GLU A 251 25.69 10.58 -9.80
C GLU A 251 25.11 10.21 -8.43
N HIS A 252 23.87 9.71 -8.36
CA HIS A 252 23.28 9.41 -7.06
C HIS A 252 24.06 8.34 -6.30
N GLY A 253 24.67 7.42 -7.05
CA GLY A 253 25.43 6.37 -6.40
C GLY A 253 25.74 5.22 -7.35
N HIS A 254 26.57 4.30 -6.87
CA HIS A 254 27.13 3.21 -7.67
C HIS A 254 26.04 2.27 -8.17
N GLU A 255 24.86 2.28 -7.53
CA GLU A 255 23.80 1.35 -7.87
C GLU A 255 22.64 1.99 -8.63
N SER A 256 22.79 3.22 -9.13
CA SER A 256 21.71 3.92 -9.85
C SER A 256 21.71 3.57 -11.35
N PRO A 257 20.68 2.89 -11.87
CA PRO A 257 20.64 2.58 -13.30
C PRO A 257 20.14 3.76 -14.14
N ALA A 258 20.78 3.89 -15.30
CA ALA A 258 20.40 4.86 -16.31
C ALA A 258 20.17 4.08 -17.60
N TRP A 259 18.94 4.17 -18.11
CA TRP A 259 18.48 3.38 -19.22
C TRP A 259 18.08 4.29 -20.39
N LEU A 260 18.56 3.94 -21.61
CA LEU A 260 18.15 4.63 -22.83
C LEU A 260 17.43 3.65 -23.73
N PHE A 261 16.19 3.99 -24.09
CA PHE A 261 15.36 3.25 -25.03
C PHE A 261 15.15 4.14 -26.26
N THR A 262 15.60 3.72 -27.46
CA THR A 262 15.54 4.59 -28.62
C THR A 262 15.24 3.79 -29.89
N THR A 263 14.64 4.51 -30.86
CA THR A 263 14.46 4.03 -32.22
C THR A 263 15.54 4.59 -33.16
N SER A 264 16.53 5.34 -32.63
CA SER A 264 17.55 5.98 -33.47
C SER A 264 18.94 5.45 -33.12
N ARG A 265 19.56 4.77 -34.09
CA ARG A 265 20.89 4.26 -33.88
C ARG A 265 21.87 5.41 -33.72
N ASP A 266 21.70 6.48 -34.50
CA ASP A 266 22.63 7.60 -34.42
C ASP A 266 22.59 8.22 -33.02
N LEU A 267 21.38 8.40 -32.48
CA LEU A 267 21.22 8.94 -31.13
C LEU A 267 21.95 8.06 -30.12
N ALA A 268 21.66 6.74 -30.14
CA ALA A 268 22.32 5.79 -29.26
C ALA A 268 23.83 5.94 -29.30
N ASP A 269 24.40 5.99 -30.52
CA ASP A 269 25.85 6.05 -30.67
C ASP A 269 26.42 7.32 -30.04
N ARG A 270 25.77 8.46 -30.28
CA ARG A 270 26.32 9.72 -29.80
C ARG A 270 26.20 9.77 -28.28
N VAL A 271 25.13 9.20 -27.74
CA VAL A 271 24.93 9.23 -26.29
C VAL A 271 25.98 8.34 -25.62
N MET A 272 26.26 7.16 -26.20
CA MET A 272 27.24 6.25 -25.64
C MET A 272 28.66 6.84 -25.66
N ALA A 273 28.96 7.65 -26.68
CA ALA A 273 30.22 8.38 -26.74
C ALA A 273 30.25 9.52 -25.71
N LEU A 274 29.11 10.18 -25.45
CA LEU A 274 29.11 11.40 -24.67
C LEU A 274 29.08 11.10 -23.18
N VAL A 275 28.37 10.05 -22.76
CA VAL A 275 28.17 9.81 -21.34
C VAL A 275 29.51 9.72 -20.62
N PRO A 276 30.49 8.91 -21.09
CA PRO A 276 31.81 8.85 -20.45
C PRO A 276 32.56 10.16 -20.37
N GLU A 277 32.46 10.98 -21.42
CA GLU A 277 33.07 12.30 -21.46
C GLU A 277 32.44 13.20 -20.40
N LEU A 278 31.12 13.14 -20.21
CA LEU A 278 30.46 13.99 -19.23
C LEU A 278 30.84 13.53 -17.82
N ILE A 279 30.91 12.21 -17.62
CA ILE A 279 31.23 11.66 -16.31
C ILE A 279 32.62 12.11 -15.88
N ALA A 280 33.55 12.13 -16.84
CA ALA A 280 34.93 12.48 -16.57
C ALA A 280 35.07 13.93 -16.12
N LYS A 281 34.12 14.80 -16.47
CA LYS A 281 34.22 16.20 -16.09
C LYS A 281 33.51 16.51 -14.77
N LEU A 282 33.02 15.48 -14.08
CA LEU A 282 32.35 15.68 -12.81
C LEU A 282 33.38 15.79 -11.69
N PRO A 283 33.02 16.45 -10.57
CA PRO A 283 33.85 16.44 -9.38
C PRO A 283 33.90 15.05 -8.74
N PRO A 284 34.83 14.81 -7.78
CA PRO A 284 35.18 13.45 -7.33
C PRO A 284 34.05 12.52 -6.86
N THR A 285 33.20 12.99 -5.95
CA THR A 285 32.13 12.15 -5.42
C THR A 285 31.22 11.68 -6.56
N ALA A 286 30.76 12.62 -7.39
CA ALA A 286 29.87 12.30 -8.49
C ALA A 286 30.57 11.42 -9.50
N ARG A 287 31.86 11.70 -9.78
CA ARG A 287 32.56 10.94 -10.82
C ARG A 287 32.70 9.48 -10.36
N ASP A 288 33.06 9.28 -9.10
CA ASP A 288 33.17 7.94 -8.51
C ASP A 288 31.85 7.16 -8.64
N ALA A 289 30.74 7.81 -8.23
CA ALA A 289 29.44 7.16 -8.27
C ALA A 289 29.04 6.83 -9.71
N ALA A 290 29.11 7.84 -10.58
CA ALA A 290 28.56 7.73 -11.93
C ALA A 290 29.39 6.79 -12.80
N THR A 291 30.72 6.75 -12.60
CA THR A 291 31.54 5.84 -13.39
C THR A 291 31.08 4.40 -13.15
N ALA A 292 30.93 4.02 -11.87
CA ALA A 292 30.51 2.68 -11.49
C ALA A 292 29.08 2.41 -11.93
N ALA A 293 28.18 3.38 -11.71
CA ALA A 293 26.79 3.20 -12.05
C ALA A 293 26.62 2.98 -13.55
N TRP A 294 27.26 3.80 -14.38
CA TRP A 294 27.11 3.66 -15.83
C TRP A 294 27.69 2.30 -16.26
N ARG A 295 28.89 1.96 -15.76
CA ARG A 295 29.57 0.73 -16.14
C ARG A 295 28.70 -0.48 -15.78
N ASP A 296 28.25 -0.54 -14.52
CA ASP A 296 27.64 -1.73 -13.98
C ASP A 296 26.15 -1.85 -14.26
N TYR A 297 25.43 -0.71 -14.33
CA TYR A 297 23.97 -0.74 -14.35
C TYR A 297 23.38 -0.05 -15.59
N GLY A 298 24.19 0.68 -16.36
CA GLY A 298 23.65 1.45 -17.47
C GLY A 298 23.35 0.56 -18.66
N GLU A 299 22.26 0.87 -19.37
CA GLU A 299 21.86 0.07 -20.52
C GLU A 299 21.34 0.98 -21.62
N VAL A 300 21.55 0.55 -22.87
CA VAL A 300 21.12 1.25 -24.07
C VAL A 300 20.47 0.21 -24.97
N ILE A 301 19.19 0.40 -25.29
CA ILE A 301 18.41 -0.57 -26.02
C ILE A 301 17.87 0.10 -27.28
N LEU A 302 18.17 -0.51 -28.44
CA LEU A 302 17.65 -0.06 -29.72
C LEU A 302 16.44 -0.91 -30.11
N CYS A 303 15.35 -0.23 -30.46
CA CYS A 303 14.09 -0.85 -30.85
C CYS A 303 13.69 -0.40 -32.25
N GLY A 304 12.88 -1.22 -32.93
CA GLY A 304 12.44 -0.95 -34.29
C GLY A 304 11.25 0.01 -34.35
N THR A 305 10.30 -0.11 -33.42
CA THR A 305 9.05 0.60 -33.48
C THR A 305 8.71 1.22 -32.11
N ARG A 306 7.75 2.13 -32.11
CA ARG A 306 7.27 2.77 -30.88
C ARG A 306 6.63 1.73 -29.96
N GLU A 307 5.86 0.79 -30.54
CA GLU A 307 5.21 -0.27 -29.76
C GLU A 307 6.23 -1.12 -29.01
N GLU A 308 7.38 -1.40 -29.63
CA GLU A 308 8.42 -2.17 -28.97
C GLU A 308 9.03 -1.38 -27.82
N VAL A 309 9.18 -0.05 -28.00
CA VAL A 309 9.70 0.81 -26.93
C VAL A 309 8.75 0.79 -25.72
N VAL A 310 7.43 0.87 -25.98
CA VAL A 310 6.44 0.84 -24.91
C VAL A 310 6.53 -0.48 -24.14
N GLU A 311 6.66 -1.59 -24.88
CA GLU A 311 6.72 -2.90 -24.25
C GLU A 311 7.93 -2.98 -23.33
N ILE A 312 9.12 -2.56 -23.78
CA ILE A 312 10.32 -2.67 -22.98
C ILE A 312 10.26 -1.68 -21.80
N SER A 313 9.83 -0.43 -22.08
CA SER A 313 9.73 0.58 -21.04
C SER A 313 8.80 0.11 -19.91
N ASP A 314 7.67 -0.49 -20.28
CA ASP A 314 6.71 -0.99 -19.30
C ASP A 314 7.30 -2.13 -18.48
N ARG A 315 8.12 -3.00 -19.10
CA ARG A 315 8.77 -4.06 -18.35
C ARG A 315 9.83 -3.52 -17.38
N TYR A 316 10.61 -2.52 -17.79
CA TYR A 316 11.62 -1.95 -16.91
C TYR A 316 10.95 -1.20 -15.74
N ALA A 317 9.81 -0.56 -16.00
CA ALA A 317 9.03 0.13 -14.98
C ALA A 317 9.91 1.10 -14.18
N SER A 318 10.53 2.06 -14.87
CA SER A 318 11.50 2.94 -14.26
C SER A 318 10.84 3.92 -13.28
N GLU A 319 11.55 4.25 -12.21
CA GLU A 319 11.17 5.33 -11.31
C GLU A 319 10.82 6.60 -12.09
N HIS A 320 11.73 7.03 -12.97
CA HIS A 320 11.55 8.24 -13.78
C HIS A 320 11.63 7.88 -15.26
N LEU A 321 10.74 8.48 -16.07
CA LEU A 321 10.78 8.25 -17.52
C LEU A 321 10.66 9.59 -18.24
N GLU A 322 11.70 9.95 -18.98
CA GLU A 322 11.68 11.13 -19.82
C GLU A 322 11.32 10.68 -21.24
N VAL A 323 10.53 11.50 -21.94
CA VAL A 323 10.14 11.21 -23.31
C VAL A 323 10.53 12.37 -24.25
N HIS A 324 11.59 12.15 -25.04
CA HIS A 324 12.09 13.12 -26.01
C HIS A 324 11.76 12.61 -27.40
N THR A 325 10.49 12.80 -27.78
CA THR A 325 9.94 12.34 -29.05
C THR A 325 8.98 13.37 -29.64
N ALA A 326 8.65 13.12 -30.90
CA ALA A 326 7.45 13.66 -31.51
C ALA A 326 6.21 12.99 -30.90
N ASP A 327 5.05 13.64 -31.05
CA ASP A 327 3.75 13.05 -30.78
C ASP A 327 3.65 12.62 -29.31
N LEU A 328 3.84 13.57 -28.40
CA LEU A 328 3.93 13.24 -26.99
C LEU A 328 2.59 12.72 -26.47
N ASP A 329 1.48 13.14 -27.06
CA ASP A 329 0.16 12.66 -26.67
C ASP A 329 0.06 11.15 -26.76
N TRP A 330 0.70 10.58 -27.78
CA TRP A 330 0.61 9.14 -28.01
C TRP A 330 1.32 8.40 -26.86
N TRP A 331 2.49 8.92 -26.44
CA TRP A 331 3.26 8.30 -25.37
C TRP A 331 2.51 8.40 -24.03
N LEU A 332 1.88 9.55 -23.78
CA LEU A 332 1.13 9.71 -22.55
C LEU A 332 -0.03 8.70 -22.51
N ALA A 333 -0.65 8.45 -23.67
CA ALA A 333 -1.78 7.54 -23.77
C ALA A 333 -1.34 6.08 -23.66
N ASN A 334 -0.11 5.73 -24.07
CA ASN A 334 0.27 4.34 -24.27
C ASN A 334 1.21 3.79 -23.20
N LEU A 335 2.04 4.62 -22.56
CA LEU A 335 2.91 4.13 -21.48
C LEU A 335 2.07 3.82 -20.23
N THR A 336 2.39 2.74 -19.49
CA THR A 336 1.57 2.41 -18.32
C THR A 336 2.35 2.12 -17.04
N CYS A 337 3.67 1.85 -17.12
CA CYS A 337 4.44 1.53 -15.92
C CYS A 337 5.68 2.42 -15.80
N TYR A 338 5.60 3.38 -14.87
CA TYR A 338 6.65 4.34 -14.55
C TYR A 338 6.24 5.03 -13.25
N GLY A 339 7.19 5.63 -12.54
CA GLY A 339 6.84 6.38 -11.34
C GLY A 339 6.31 7.76 -11.72
N SER A 340 7.13 8.50 -12.48
CA SER A 340 6.87 9.88 -12.85
C SER A 340 7.35 10.08 -14.27
N LEU A 341 6.50 10.73 -15.07
CA LEU A 341 6.70 10.92 -16.50
C LEU A 341 7.03 12.37 -16.82
N PHE A 342 8.07 12.58 -17.62
CA PHE A 342 8.54 13.88 -18.05
C PHE A 342 8.39 13.95 -19.57
N LEU A 343 7.38 14.71 -20.02
CA LEU A 343 7.01 14.78 -21.44
C LEU A 343 7.70 15.96 -22.10
N GLY A 344 8.49 15.66 -23.14
CA GLY A 344 9.23 16.69 -23.85
C GLY A 344 10.60 16.93 -23.24
N GLU A 345 11.44 17.64 -24.00
CA GLU A 345 12.80 17.90 -23.59
C GLU A 345 12.87 19.00 -22.52
N GLU A 346 11.86 19.89 -22.41
CA GLU A 346 12.05 21.09 -21.60
C GLU A 346 12.13 20.77 -20.12
N THR A 347 11.21 19.95 -19.61
CA THR A 347 11.30 19.47 -18.24
C THR A 347 12.30 18.33 -18.19
N THR A 348 12.73 18.00 -16.97
CA THR A 348 13.75 16.98 -16.77
C THR A 348 13.66 16.49 -15.34
N VAL A 349 14.23 15.30 -15.11
CA VAL A 349 14.16 14.68 -13.79
C VAL A 349 14.64 15.64 -12.70
N ALA A 350 15.76 16.33 -12.88
CA ALA A 350 16.28 17.19 -11.82
C ALA A 350 15.25 18.25 -11.39
N PHE A 351 14.47 18.75 -12.37
CA PHE A 351 13.41 19.70 -12.07
C PHE A 351 12.35 19.08 -11.17
N GLY A 352 11.94 17.85 -11.50
CA GLY A 352 11.03 17.10 -10.66
C GLY A 352 11.59 16.78 -9.28
N ASP A 353 12.90 16.47 -9.23
CA ASP A 353 13.60 16.22 -7.99
C ASP A 353 13.46 17.40 -7.03
N LYS A 354 13.56 18.64 -7.54
CA LYS A 354 13.73 19.78 -6.65
C LYS A 354 12.48 20.65 -6.52
N THR A 355 11.73 20.93 -7.60
CA THR A 355 10.79 22.04 -7.48
C THR A 355 9.61 22.05 -8.47
N SER A 356 9.47 21.09 -9.38
CA SER A 356 8.37 21.14 -10.33
C SER A 356 7.01 21.15 -9.65
N GLY A 357 6.87 20.26 -8.67
CA GLY A 357 5.61 20.12 -7.97
C GLY A 357 5.32 18.67 -7.59
N PRO A 358 5.17 17.78 -8.57
CA PRO A 358 4.89 16.39 -8.26
C PRO A 358 5.99 15.81 -7.38
N ASN A 359 5.59 14.88 -6.53
CA ASN A 359 6.51 14.30 -5.57
C ASN A 359 7.64 13.55 -6.28
N HIS A 360 8.86 13.61 -5.71
CA HIS A 360 9.97 12.85 -6.23
C HIS A 360 10.12 11.50 -5.56
N VAL A 361 9.44 11.27 -4.43
CA VAL A 361 9.63 10.01 -3.73
C VAL A 361 8.83 8.94 -4.49
N LEU A 362 9.54 8.01 -5.14
CA LEU A 362 8.97 7.25 -6.24
C LEU A 362 9.46 5.80 -6.23
N PRO A 363 8.65 4.88 -6.80
CA PRO A 363 8.97 3.45 -6.80
C PRO A 363 10.24 3.10 -7.56
N THR A 364 11.05 2.21 -6.98
CA THR A 364 12.18 1.66 -7.70
C THR A 364 12.06 0.14 -7.71
N LYS A 365 13.02 -0.51 -8.40
CA LYS A 365 13.13 -1.95 -8.44
C LYS A 365 11.81 -2.58 -8.90
N GLY A 366 11.18 -1.94 -9.89
CA GLY A 366 9.98 -2.47 -10.50
C GLY A 366 8.70 -2.23 -9.73
N ALA A 367 8.72 -1.46 -8.63
CA ALA A 367 7.51 -1.24 -7.85
C ALA A 367 6.47 -0.41 -8.62
N ALA A 368 6.89 0.27 -9.69
CA ALA A 368 5.99 1.03 -10.53
C ALA A 368 5.03 0.12 -11.30
N ARG A 369 5.26 -1.20 -11.29
CA ARG A 369 4.25 -2.14 -11.78
C ARG A 369 2.95 -2.08 -10.96
N TYR A 370 3.03 -1.66 -9.69
CA TYR A 370 1.84 -1.72 -8.83
C TYR A 370 1.59 -0.46 -8.00
N SER A 371 2.49 0.54 -7.99
CA SER A 371 2.24 1.76 -7.23
C SER A 371 2.84 2.99 -7.93
N GLY A 372 2.20 4.13 -7.72
CA GLY A 372 2.88 5.40 -7.93
C GLY A 372 3.69 5.81 -6.69
N GLY A 373 4.10 7.07 -6.67
CA GLY A 373 4.99 7.55 -5.62
C GLY A 373 4.24 8.05 -4.38
N LEU A 374 5.01 8.59 -3.46
CA LEU A 374 4.49 9.31 -2.31
C LEU A 374 3.56 10.40 -2.84
N SER A 375 2.39 10.51 -2.19
CA SER A 375 1.40 11.52 -2.47
C SER A 375 0.47 11.60 -1.27
N VAL A 376 -0.43 12.58 -1.29
CA VAL A 376 -1.45 12.67 -0.25
C VAL A 376 -2.23 11.37 -0.19
N HIS A 377 -2.38 10.67 -1.31
CA HIS A 377 -3.16 9.43 -1.32
C HIS A 377 -2.57 8.40 -0.36
N LYS A 378 -1.25 8.44 -0.14
CA LYS A 378 -0.62 7.46 0.74
C LYS A 378 -0.88 7.77 2.21
N PHE A 379 -1.46 8.93 2.52
CA PHE A 379 -1.74 9.31 3.91
C PHE A 379 -3.23 9.27 4.25
N MET A 380 -4.05 8.97 3.25
CA MET A 380 -5.48 8.86 3.43
C MET A 380 -5.86 7.39 3.55
N LYS A 381 -6.77 7.12 4.47
CA LYS A 381 -7.43 5.84 4.55
C LYS A 381 -8.76 5.97 3.83
N THR A 382 -9.05 5.02 2.93
CA THR A 382 -10.34 4.96 2.27
CA THR A 382 -10.35 4.97 2.27
C THR A 382 -11.14 3.84 2.91
N LEU A 383 -12.05 4.23 3.82
CA LEU A 383 -12.80 3.32 4.66
C LEU A 383 -14.24 3.28 4.16
N THR A 384 -14.91 2.15 4.41
CA THR A 384 -16.29 2.02 3.96
C THR A 384 -17.22 1.99 5.17
N TRP A 385 -18.45 2.48 4.93
CA TRP A 385 -19.51 2.39 5.91
C TRP A 385 -20.81 1.96 5.24
N GLN A 386 -21.74 1.42 6.04
CA GLN A 386 -23.06 1.11 5.51
C GLN A 386 -24.13 1.21 6.58
N GLN A 387 -25.36 1.39 6.10
CA GLN A 387 -26.53 1.53 6.97
C GLN A 387 -27.71 0.98 6.19
N MET A 388 -28.59 0.25 6.88
CA MET A 388 -29.74 -0.36 6.22
C MET A 388 -31.04 0.01 6.92
N THR A 389 -32.12 0.09 6.13
CA THR A 389 -33.47 0.04 6.65
C THR A 389 -33.75 -1.40 7.06
N ARG A 390 -34.77 -1.59 7.90
CA ARG A 390 -35.22 -2.93 8.21
C ARG A 390 -35.63 -3.64 6.91
N GLU A 391 -36.34 -2.91 6.04
CA GLU A 391 -36.87 -3.50 4.82
C GLU A 391 -35.76 -4.12 3.96
N ALA A 392 -34.60 -3.44 3.85
CA ALA A 392 -33.47 -3.96 3.07
C ALA A 392 -33.05 -5.36 3.53
N THR A 393 -33.20 -5.64 4.84
CA THR A 393 -32.71 -6.88 5.42
C THR A 393 -33.54 -8.09 4.97
N ARG A 394 -34.75 -7.87 4.43
CA ARG A 394 -35.53 -8.99 3.91
C ARG A 394 -34.72 -9.72 2.83
N GLN A 395 -34.20 -8.98 1.84
CA GLN A 395 -33.41 -9.60 0.78
C GLN A 395 -31.99 -9.93 1.28
N ILE A 396 -31.36 -8.93 1.89
CA ILE A 396 -29.96 -9.05 2.23
C ILE A 396 -29.76 -10.19 3.22
N GLY A 397 -30.68 -10.28 4.18
CA GLY A 397 -30.64 -11.28 5.23
C GLY A 397 -30.83 -12.70 4.73
N GLN A 398 -31.79 -12.93 3.83
CA GLN A 398 -31.98 -14.30 3.38
C GLN A 398 -30.82 -14.76 2.51
N VAL A 399 -30.25 -13.86 1.68
CA VAL A 399 -29.11 -14.22 0.85
C VAL A 399 -27.90 -14.51 1.74
N THR A 400 -27.71 -13.70 2.79
CA THR A 400 -26.62 -13.89 3.73
C THR A 400 -26.77 -15.23 4.43
N ALA A 401 -27.98 -15.55 4.91
CA ALA A 401 -28.17 -16.81 5.65
C ALA A 401 -27.89 -18.00 4.74
N ARG A 402 -28.40 -17.95 3.48
CA ARG A 402 -28.22 -19.06 2.58
C ARG A 402 -26.74 -19.27 2.22
N ILE A 403 -26.05 -18.21 1.81
CA ILE A 403 -24.65 -18.32 1.42
C ILE A 403 -23.83 -18.78 2.63
N SER A 404 -24.09 -18.20 3.81
CA SER A 404 -23.38 -18.56 5.02
C SER A 404 -23.49 -20.07 5.25
N ARG A 405 -24.70 -20.61 5.12
CA ARG A 405 -24.88 -22.02 5.39
C ARG A 405 -24.20 -22.88 4.32
N LEU A 406 -24.14 -22.43 3.06
CA LEU A 406 -23.41 -23.15 2.04
C LEU A 406 -21.93 -23.25 2.40
N GLU A 407 -21.41 -22.19 3.04
CA GLU A 407 -20.01 -22.13 3.39
C GLU A 407 -19.70 -22.96 4.65
N GLY A 408 -20.73 -23.29 5.41
CA GLY A 408 -20.60 -24.01 6.67
C GLY A 408 -20.62 -23.11 7.90
N MET A 409 -20.99 -21.83 7.74
CA MET A 409 -20.93 -20.83 8.79
C MET A 409 -22.34 -20.59 9.38
N GLU A 410 -22.70 -21.43 10.34
CA GLU A 410 -24.00 -21.38 10.99
C GLU A 410 -24.17 -20.13 11.84
N ALA A 411 -23.13 -19.72 12.58
CA ALA A 411 -23.26 -18.57 13.48
C ALA A 411 -23.51 -17.30 12.67
N HIS A 412 -22.89 -17.20 11.50
CA HIS A 412 -23.12 -16.07 10.58
C HIS A 412 -24.60 -16.04 10.17
N ALA A 413 -25.14 -17.21 9.79
CA ALA A 413 -26.53 -17.28 9.39
C ALA A 413 -27.47 -16.92 10.53
N ARG A 414 -27.12 -17.30 11.77
CA ARG A 414 -27.98 -17.00 12.90
C ARG A 414 -28.11 -15.50 13.15
N THR A 415 -27.12 -14.67 12.76
CA THR A 415 -27.28 -13.23 12.91
C THR A 415 -28.35 -12.69 11.92
N ALA A 416 -28.52 -13.38 10.78
CA ALA A 416 -29.57 -13.03 9.82
C ALA A 416 -30.94 -13.55 10.31
N ASP A 417 -30.99 -14.83 10.75
CA ASP A 417 -32.20 -15.42 11.34
C ASP A 417 -32.73 -14.54 12.47
N ASP A 418 -31.85 -14.02 13.33
CA ASP A 418 -32.27 -13.26 14.51
C ASP A 418 -32.91 -11.94 14.10
N ARG A 419 -32.35 -11.25 13.11
CA ARG A 419 -32.94 -10.04 12.58
C ARG A 419 -34.29 -10.33 11.90
N MET A 420 -34.40 -11.42 11.13
CA MET A 420 -35.63 -11.71 10.41
C MET A 420 -36.74 -11.95 11.43
N ALA A 421 -36.43 -12.71 12.49
CA ALA A 421 -37.42 -13.01 13.52
C ALA A 421 -37.78 -11.76 14.28
N LYS A 422 -36.84 -10.83 14.49
CA LYS A 422 -37.16 -9.65 15.27
C LYS A 422 -37.98 -8.67 14.47
N TYR A 423 -37.55 -8.41 13.22
CA TYR A 423 -38.14 -7.34 12.43
C TYR A 423 -39.38 -7.82 11.67
N PHE A 424 -39.38 -9.09 11.24
CA PHE A 424 -40.43 -9.61 10.37
C PHE A 424 -40.84 -11.00 10.86
N PRO A 425 -41.45 -11.09 12.06
CA PRO A 425 -41.81 -12.38 12.66
C PRO A 425 -42.72 -13.27 11.83
N ASN A 426 -43.44 -12.67 10.86
CA ASN A 426 -44.41 -13.41 10.07
C ASN A 426 -43.83 -13.85 8.73
N ALA A 427 -42.63 -13.41 8.37
CA ALA A 427 -42.08 -13.78 7.08
C ALA A 427 -41.62 -15.24 7.11
N SER A 428 -41.62 -15.90 5.95
CA SER A 428 -41.17 -17.29 5.85
CA SER A 428 -41.18 -17.29 5.85
C SER A 428 -40.26 -17.46 4.64
N PHE A 429 -39.06 -16.92 4.70
CA PHE A 429 -38.10 -17.11 3.62
C PHE A 429 -37.29 -18.38 3.82
N GLU A 430 -36.68 -18.88 2.74
CA GLU A 430 -35.69 -19.95 2.82
C GLU A 430 -34.38 -19.38 3.36
N MET A 431 -33.93 -19.86 4.52
CA MET A 431 -32.75 -19.35 5.20
C MET A 431 -31.61 -20.38 5.16
N GLY A 432 -31.85 -21.49 4.46
CA GLY A 432 -30.84 -22.50 4.20
C GLY A 432 -30.89 -23.60 5.26
N THR A 433 -30.49 -24.80 4.87
CA THR A 433 -30.45 -25.94 5.78
C THR A 433 -29.42 -25.68 6.88
N PRO A 434 -29.79 -25.70 8.18
CA PRO A 434 -28.82 -25.49 9.26
C PRO A 434 -27.64 -26.46 9.21
N VAL A 435 -26.49 -25.94 9.59
CA VAL A 435 -25.28 -26.74 9.62
C VAL A 435 -25.31 -27.60 10.87
N GLU A 436 -24.93 -28.88 10.70
CA GLU A 436 -25.01 -29.87 11.77
C GLU A 436 -23.65 -30.35 12.25
N VAL A 437 -22.57 -30.07 11.51
CA VAL A 437 -21.26 -30.57 11.89
C VAL A 437 -20.33 -29.39 12.25
N ILE B 3 -12.49 4.17 32.58
CA ILE B 3 -12.46 3.03 31.61
C ILE B 3 -12.07 1.74 32.34
N SER B 4 -12.86 0.68 32.15
CA SER B 4 -12.77 -0.52 32.95
C SER B 4 -12.97 -1.78 32.08
N TYR B 5 -12.08 -2.77 32.21
CA TYR B 5 -12.24 -4.04 31.52
C TYR B 5 -13.14 -4.95 32.32
N LEU B 6 -14.30 -5.34 31.77
CA LEU B 6 -15.15 -6.30 32.45
C LEU B 6 -14.72 -7.70 32.04
N LYS B 7 -14.12 -7.80 30.85
CA LYS B 7 -13.53 -9.04 30.40
C LYS B 7 -12.24 -8.66 29.68
N LYS B 8 -11.13 -9.24 30.13
CA LYS B 8 -9.82 -8.95 29.58
C LYS B 8 -9.28 -10.23 28.95
N ALA B 9 -8.73 -10.11 27.74
CA ALA B 9 -8.25 -11.27 27.02
C ALA B 9 -6.82 -11.61 27.46
N GLU B 10 -6.52 -12.90 27.56
CA GLU B 10 -5.15 -13.39 27.67
C GLU B 10 -4.38 -13.19 26.36
N LYS B 11 -5.04 -13.31 25.20
CA LYS B 11 -4.34 -13.24 23.93
C LYS B 11 -4.90 -12.12 23.06
N THR B 12 -4.05 -11.65 22.12
CA THR B 12 -4.43 -10.64 21.13
C THR B 12 -4.02 -11.14 19.74
N PRO B 13 -4.41 -10.41 18.67
CA PRO B 13 -3.84 -10.65 17.34
C PRO B 13 -2.31 -10.72 17.23
N GLN B 14 -1.60 -10.09 18.18
CA GLN B 14 -0.13 -10.14 18.21
C GLN B 14 0.41 -11.47 18.73
N THR B 15 -0.38 -12.22 19.52
CA THR B 15 0.12 -13.38 20.25
C THR B 15 0.81 -14.39 19.32
N GLU B 16 0.21 -14.67 18.16
CA GLU B 16 0.66 -15.77 17.31
C GLU B 16 1.61 -15.32 16.20
N THR B 17 2.10 -14.08 16.24
CA THR B 17 2.92 -13.51 15.17
C THR B 17 4.19 -14.34 14.95
N ALA B 18 4.92 -14.67 16.03
CA ALA B 18 6.18 -15.39 15.92
C ALA B 18 6.01 -16.77 15.26
N THR B 19 4.95 -17.50 15.66
CA THR B 19 4.65 -18.80 15.07
C THR B 19 4.47 -18.68 13.56
N ALA B 20 3.68 -17.68 13.15
CA ALA B 20 3.38 -17.47 11.74
C ALA B 20 4.66 -17.16 10.96
N GLN B 21 5.45 -16.24 11.51
CA GLN B 21 6.65 -15.75 10.83
C GLN B 21 7.68 -16.86 10.67
N LYS B 22 7.76 -17.76 11.64
CA LYS B 22 8.74 -18.83 11.54
C LYS B 22 8.40 -19.77 10.39
N VAL B 23 7.13 -20.20 10.32
CA VAL B 23 6.68 -21.09 9.27
C VAL B 23 6.85 -20.40 7.92
N VAL B 24 6.49 -19.11 7.83
CA VAL B 24 6.48 -18.45 6.53
C VAL B 24 7.91 -18.27 6.02
N THR B 25 8.84 -17.90 6.91
CA THR B 25 10.24 -17.71 6.54
C THR B 25 10.83 -19.00 5.95
N GLU B 26 10.52 -20.14 6.60
CA GLU B 26 11.03 -21.44 6.18
CA GLU B 26 11.03 -21.44 6.18
C GLU B 26 10.44 -21.82 4.83
N MET B 27 9.12 -21.66 4.67
CA MET B 27 8.46 -22.07 3.44
C MET B 27 8.88 -21.22 2.24
N LEU B 28 9.01 -19.90 2.45
CA LEU B 28 9.41 -19.01 1.37
C LEU B 28 10.84 -19.32 0.96
N ALA B 29 11.70 -19.65 1.93
CA ALA B 29 13.09 -19.96 1.62
C ALA B 29 13.13 -21.21 0.74
N GLU B 30 12.27 -22.19 1.05
CA GLU B 30 12.23 -23.44 0.31
C GLU B 30 11.66 -23.22 -1.09
N ILE B 31 10.65 -22.34 -1.22
CA ILE B 31 10.02 -22.15 -2.52
C ILE B 31 10.95 -21.34 -3.44
N GLN B 32 11.69 -20.40 -2.87
CA GLN B 32 12.68 -19.65 -3.62
C GLN B 32 13.78 -20.58 -4.15
N ALA B 33 14.13 -21.61 -3.39
CA ALA B 33 15.15 -22.57 -3.78
C ALA B 33 14.65 -23.54 -4.84
N ARG B 34 13.47 -24.15 -4.63
CA ARG B 34 13.09 -25.30 -5.43
C ARG B 34 11.80 -25.08 -6.24
N GLY B 35 11.20 -23.88 -6.19
CA GLY B 35 10.15 -23.51 -7.13
C GLY B 35 8.95 -24.47 -7.11
N LYS B 36 8.50 -24.90 -8.30
CA LYS B 36 7.28 -25.67 -8.43
C LYS B 36 7.35 -26.96 -7.62
N ASP B 37 8.53 -27.57 -7.55
CA ASP B 37 8.66 -28.85 -6.86
C ASP B 37 8.41 -28.67 -5.37
N ALA B 38 8.93 -27.58 -4.78
CA ALA B 38 8.69 -27.27 -3.40
C ALA B 38 7.19 -27.08 -3.15
N VAL B 39 6.51 -26.41 -4.09
CA VAL B 39 5.09 -26.12 -3.96
C VAL B 39 4.26 -27.39 -4.08
N ARG B 40 4.58 -28.27 -5.06
CA ARG B 40 3.86 -29.53 -5.23
CA ARG B 40 3.86 -29.52 -5.22
C ARG B 40 4.03 -30.37 -3.97
N GLN B 41 5.23 -30.36 -3.38
CA GLN B 41 5.47 -31.14 -2.18
C GLN B 41 4.68 -30.57 -0.99
N TYR B 42 4.67 -29.23 -0.84
CA TYR B 42 3.88 -28.64 0.25
C TYR B 42 2.40 -28.95 0.04
N ALA B 43 1.91 -28.93 -1.21
CA ALA B 43 0.50 -29.19 -1.51
C ALA B 43 0.13 -30.62 -1.12
N LYS B 44 1.05 -31.56 -1.39
CA LYS B 44 0.83 -32.96 -1.04
C LYS B 44 0.81 -33.13 0.48
N GLN B 45 1.83 -32.61 1.17
CA GLN B 45 2.02 -32.84 2.59
C GLN B 45 0.95 -32.12 3.41
N LEU B 46 0.62 -30.87 3.05
CA LEU B 46 -0.30 -30.06 3.84
C LEU B 46 -1.77 -30.33 3.49
N ASP B 47 -2.07 -30.51 2.20
CA ASP B 47 -3.43 -30.44 1.74
C ASP B 47 -3.88 -31.77 1.10
N GLY B 48 -2.99 -32.76 1.07
CA GLY B 48 -3.34 -34.07 0.53
C GLY B 48 -3.47 -34.08 -0.98
N TRP B 49 -2.89 -33.09 -1.67
CA TRP B 49 -3.18 -32.89 -3.08
C TRP B 49 -2.04 -33.41 -3.97
N SER B 50 -2.40 -34.26 -4.94
CA SER B 50 -1.45 -34.82 -5.91
C SER B 50 -1.80 -34.47 -7.35
N GLY B 51 -3.00 -33.94 -7.60
CA GLY B 51 -3.46 -33.70 -8.96
C GLY B 51 -2.80 -32.48 -9.62
N ASP B 52 -3.38 -32.07 -10.75
CA ASP B 52 -2.95 -30.88 -11.46
C ASP B 52 -3.31 -29.66 -10.62
N ILE B 53 -2.47 -28.63 -10.70
CA ILE B 53 -2.69 -27.43 -9.93
C ILE B 53 -3.54 -26.42 -10.72
N VAL B 54 -3.17 -26.16 -11.99
CA VAL B 54 -3.96 -25.28 -12.86
C VAL B 54 -5.16 -26.06 -13.38
N LEU B 55 -6.39 -25.55 -13.16
CA LEU B 55 -7.57 -26.21 -13.69
C LEU B 55 -7.76 -25.80 -15.14
N THR B 56 -8.17 -26.76 -15.98
CA THR B 56 -8.54 -26.47 -17.36
C THR B 56 -9.98 -25.97 -17.38
N PRO B 57 -10.38 -25.22 -18.43
CA PRO B 57 -11.79 -24.92 -18.66
C PRO B 57 -12.76 -26.09 -18.61
N ASP B 58 -12.37 -27.26 -19.13
CA ASP B 58 -13.23 -28.44 -19.05
C ASP B 58 -13.40 -28.90 -17.60
N GLN B 59 -12.30 -28.92 -16.85
CA GLN B 59 -12.35 -29.26 -15.44
C GLN B 59 -13.28 -28.30 -14.69
N ILE B 60 -13.13 -27.00 -14.94
CA ILE B 60 -13.93 -26.00 -14.26
C ILE B 60 -15.40 -26.26 -14.52
N ARG B 61 -15.74 -26.52 -15.78
CA ARG B 61 -17.13 -26.78 -16.16
C ARG B 61 -17.61 -28.09 -15.54
N GLU B 62 -16.80 -29.14 -15.66
CA GLU B 62 -17.16 -30.44 -15.09
C GLU B 62 -17.39 -30.31 -13.58
N GLN B 63 -16.55 -29.55 -12.87
CA GLN B 63 -16.63 -29.50 -11.42
C GLN B 63 -17.78 -28.62 -10.92
N THR B 64 -18.33 -27.74 -11.79
CA THR B 64 -19.41 -26.84 -11.40
C THR B 64 -20.75 -27.20 -12.06
N LYS B 65 -20.81 -28.33 -12.79
CA LYS B 65 -21.92 -28.63 -13.69
C LYS B 65 -23.20 -28.87 -12.91
N ASP B 66 -23.08 -29.39 -11.67
CA ASP B 66 -24.22 -29.68 -10.84
C ASP B 66 -24.53 -28.56 -9.84
N VAL B 67 -23.83 -27.41 -9.87
CA VAL B 67 -24.20 -26.36 -8.92
C VAL B 67 -25.61 -25.88 -9.25
N PRO B 68 -26.59 -25.93 -8.31
CA PRO B 68 -27.99 -25.62 -8.62
C PRO B 68 -28.28 -24.16 -8.94
N ALA B 69 -29.41 -23.93 -9.64
CA ALA B 69 -29.84 -22.61 -10.06
C ALA B 69 -29.99 -21.66 -8.87
N GLY B 70 -30.54 -22.17 -7.76
CA GLY B 70 -30.83 -21.34 -6.59
C GLY B 70 -29.54 -20.81 -5.97
N VAL B 71 -28.52 -21.67 -5.95
CA VAL B 71 -27.20 -21.29 -5.46
C VAL B 71 -26.58 -20.25 -6.40
N ARG B 72 -26.63 -20.51 -7.70
CA ARG B 72 -26.07 -19.61 -8.69
CA ARG B 72 -26.09 -19.62 -8.70
C ARG B 72 -26.73 -18.24 -8.58
N ALA B 73 -28.06 -18.19 -8.34
CA ALA B 73 -28.78 -16.93 -8.25
C ALA B 73 -28.33 -16.10 -7.06
N ASP B 74 -28.06 -16.74 -5.92
CA ASP B 74 -27.59 -16.00 -4.75
C ASP B 74 -26.19 -15.45 -4.98
N ILE B 75 -25.30 -16.27 -5.52
CA ILE B 75 -23.93 -15.84 -5.75
C ILE B 75 -23.93 -14.71 -6.77
N ASP B 76 -24.74 -14.84 -7.84
CA ASP B 76 -24.82 -13.84 -8.89
C ASP B 76 -25.31 -12.51 -8.32
N PHE B 77 -26.29 -12.55 -7.41
CA PHE B 77 -26.81 -11.36 -6.77
C PHE B 77 -25.69 -10.67 -5.98
N ALA B 78 -24.97 -11.44 -5.17
CA ALA B 78 -23.89 -10.91 -4.36
C ALA B 78 -22.78 -10.30 -5.23
N ILE B 79 -22.44 -10.95 -6.34
CA ILE B 79 -21.44 -10.43 -7.26
C ILE B 79 -21.91 -9.06 -7.79
N ARG B 80 -23.20 -8.92 -8.11
CA ARG B 80 -23.73 -7.65 -8.59
C ARG B 80 -23.59 -6.54 -7.56
N GLN B 81 -23.83 -6.85 -6.28
CA GLN B 81 -23.75 -5.82 -5.25
C GLN B 81 -22.30 -5.36 -5.09
N VAL B 82 -21.35 -6.32 -5.07
CA VAL B 82 -19.94 -6.02 -4.93
C VAL B 82 -19.48 -5.19 -6.13
N THR B 83 -19.92 -5.57 -7.34
CA THR B 83 -19.53 -4.85 -8.55
C THR B 83 -20.09 -3.43 -8.53
N ASP B 84 -21.36 -3.27 -8.17
CA ASP B 84 -21.97 -1.95 -8.14
C ASP B 84 -21.21 -1.00 -7.21
N PHE B 85 -20.84 -1.48 -6.02
CA PHE B 85 -20.13 -0.61 -5.09
C PHE B 85 -18.71 -0.35 -5.61
N ALA B 86 -18.07 -1.36 -6.23
CA ALA B 86 -16.73 -1.20 -6.78
C ALA B 86 -16.70 -0.10 -7.85
N LEU B 87 -17.70 -0.08 -8.73
CA LEU B 87 -17.75 0.91 -9.79
C LEU B 87 -17.98 2.30 -9.21
N ALA B 88 -18.79 2.42 -8.15
CA ALA B 88 -18.92 3.68 -7.43
C ALA B 88 -17.58 4.13 -6.86
N GLN B 89 -16.82 3.21 -6.25
CA GLN B 89 -15.51 3.57 -5.73
C GLN B 89 -14.58 4.02 -6.85
N ARG B 90 -14.65 3.34 -8.00
CA ARG B 90 -13.78 3.66 -9.11
C ARG B 90 -14.05 5.09 -9.58
N GLU B 91 -15.31 5.53 -9.53
CA GLU B 91 -15.65 6.90 -9.96
C GLU B 91 -15.10 7.97 -9.01
N SER B 92 -14.77 7.59 -7.75
CA SER B 92 -14.36 8.55 -6.74
C SER B 92 -12.92 9.01 -6.90
N LEU B 93 -12.12 8.36 -7.77
CA LEU B 93 -10.73 8.75 -7.99
C LEU B 93 -10.54 9.22 -9.42
N LYS B 94 -10.21 10.51 -9.63
CA LYS B 94 -10.19 11.08 -10.98
C LYS B 94 -8.79 11.40 -11.47
N GLU B 95 -8.62 11.40 -12.79
CA GLU B 95 -7.45 11.99 -13.44
C GLU B 95 -7.65 13.51 -13.52
N PHE B 96 -6.55 14.24 -13.63
CA PHE B 96 -6.62 15.68 -13.77
C PHE B 96 -5.28 16.19 -14.27
N SER B 97 -5.29 17.44 -14.75
CA SER B 97 -4.06 18.19 -14.97
C SER B 97 -4.26 19.60 -14.42
N VAL B 98 -3.16 20.24 -14.06
CA VAL B 98 -3.20 21.55 -13.46
CA VAL B 98 -3.20 21.56 -13.46
C VAL B 98 -1.98 22.34 -13.94
N GLU B 99 -2.11 23.67 -13.96
CA GLU B 99 -0.95 24.53 -14.17
C GLU B 99 -0.40 24.94 -12.81
N LEU B 100 0.93 24.86 -12.63
CA LEU B 100 1.59 25.28 -11.41
C LEU B 100 2.29 26.63 -11.65
N HIS B 101 3.63 26.69 -11.60
CA HIS B 101 4.33 27.87 -12.07
C HIS B 101 3.89 28.08 -13.52
N PRO B 102 3.68 29.34 -14.01
CA PRO B 102 3.24 29.53 -15.37
C PRO B 102 4.09 28.70 -16.35
N GLY B 103 3.39 27.96 -17.22
CA GLY B 103 4.03 27.15 -18.24
C GLY B 103 4.39 25.75 -17.75
N VAL B 104 4.15 25.44 -16.47
CA VAL B 104 4.33 24.09 -15.93
C VAL B 104 2.97 23.43 -15.88
N THR B 105 2.82 22.33 -16.63
CA THR B 105 1.63 21.52 -16.58
C THR B 105 1.98 20.22 -15.86
N ALA B 106 1.13 19.78 -14.92
CA ALA B 106 1.35 18.52 -14.23
C ALA B 106 0.02 17.84 -14.03
N GLY B 107 0.05 16.52 -14.06
CA GLY B 107 -1.20 15.79 -13.94
C GLY B 107 -1.02 14.42 -13.32
N GLN B 108 -2.18 13.77 -13.14
CA GLN B 108 -2.28 12.47 -12.52
C GLN B 108 -3.01 11.55 -13.49
N ARG B 109 -2.40 10.39 -13.75
CA ARG B 109 -2.93 9.33 -14.55
C ARG B 109 -3.33 8.22 -13.59
N VAL B 110 -4.46 7.59 -13.84
CA VAL B 110 -4.96 6.53 -12.97
C VAL B 110 -5.11 5.29 -13.82
N LEU B 111 -4.27 4.28 -13.58
CA LEU B 111 -4.14 3.14 -14.49
C LEU B 111 -4.23 1.82 -13.71
N PRO B 112 -5.03 0.84 -14.19
CA PRO B 112 -5.03 -0.49 -13.56
C PRO B 112 -3.71 -1.25 -13.75
N VAL B 113 -3.40 -2.11 -12.78
CA VAL B 113 -2.30 -3.04 -12.87
C VAL B 113 -2.67 -4.11 -13.88
N ASN B 114 -1.67 -4.85 -14.35
CA ASN B 114 -1.82 -5.81 -15.43
C ASN B 114 -2.35 -7.15 -14.93
N VAL B 115 -1.77 -7.68 -13.84
CA VAL B 115 -2.05 -9.03 -13.34
C VAL B 115 -2.35 -8.97 -11.84
N VAL B 116 -3.47 -9.56 -11.43
CA VAL B 116 -3.80 -9.70 -10.02
C VAL B 116 -3.92 -11.17 -9.69
N GLY B 117 -3.38 -11.55 -8.53
CA GLY B 117 -3.60 -12.85 -7.92
C GLY B 117 -4.56 -12.70 -6.75
N CYS B 118 -5.61 -13.53 -6.71
CA CYS B 118 -6.60 -13.49 -5.66
C CYS B 118 -6.63 -14.85 -4.96
N TYR B 119 -6.62 -14.79 -3.62
CA TYR B 119 -6.71 -15.98 -2.79
C TYR B 119 -8.07 -15.98 -2.10
N ALA B 120 -8.74 -17.15 -2.12
CA ALA B 120 -9.95 -17.38 -1.35
C ALA B 120 -9.71 -18.55 -0.42
N PRO B 121 -9.77 -18.33 0.91
CA PRO B 121 -9.46 -19.39 1.87
C PRO B 121 -10.45 -20.54 1.86
N ALA B 122 -9.94 -21.70 2.28
CA ALA B 122 -10.75 -22.88 2.49
C ALA B 122 -9.98 -23.77 3.46
N GLY B 123 -10.55 -23.94 4.64
CA GLY B 123 -9.94 -24.76 5.68
C GLY B 123 -11.02 -25.21 6.64
N ARG B 124 -11.31 -24.36 7.63
CA ARG B 124 -12.39 -24.59 8.55
C ARG B 124 -13.73 -24.53 7.82
N TYR B 125 -13.91 -23.45 7.02
CA TYR B 125 -15.04 -23.25 6.13
C TYR B 125 -14.55 -23.07 4.70
N ALA B 126 -15.48 -23.04 3.74
CA ALA B 126 -15.13 -22.73 2.36
C ALA B 126 -15.63 -21.34 2.03
N HIS B 127 -14.71 -20.43 1.70
CA HIS B 127 -15.03 -19.01 1.62
C HIS B 127 -15.51 -18.64 0.22
N ILE B 128 -16.80 -18.92 0.00
CA ILE B 128 -17.46 -18.62 -1.28
C ILE B 128 -17.43 -17.11 -1.51
N ALA B 129 -17.82 -16.33 -0.50
CA ALA B 129 -17.87 -14.89 -0.68
C ALA B 129 -16.48 -14.32 -0.96
N SER B 130 -15.46 -14.82 -0.25
CA SER B 130 -14.11 -14.34 -0.48
C SER B 130 -13.70 -14.50 -1.94
N ALA B 131 -14.20 -15.57 -2.57
CA ALA B 131 -13.85 -15.85 -3.95
C ALA B 131 -14.34 -14.75 -4.88
N TYR B 132 -15.53 -14.19 -4.67
CA TYR B 132 -15.94 -13.08 -5.53
C TYR B 132 -15.46 -11.70 -5.04
N MET B 133 -15.17 -11.52 -3.75
CA MET B 133 -14.68 -10.24 -3.25
C MET B 133 -13.40 -9.80 -3.96
N GLY B 134 -12.46 -10.71 -4.22
CA GLY B 134 -11.23 -10.36 -4.90
C GLY B 134 -11.45 -10.23 -6.41
N VAL B 135 -11.95 -11.29 -7.02
CA VAL B 135 -12.02 -11.36 -8.48
C VAL B 135 -12.97 -10.31 -9.05
N ALA B 136 -14.15 -10.15 -8.47
CA ALA B 136 -15.12 -9.18 -8.99
C ALA B 136 -14.56 -7.75 -8.92
N THR B 137 -13.80 -7.44 -7.86
CA THR B 137 -13.24 -6.11 -7.66
C THR B 137 -12.13 -5.86 -8.69
N ALA B 138 -11.31 -6.87 -8.95
CA ALA B 138 -10.24 -6.75 -9.92
C ALA B 138 -10.84 -6.50 -11.30
N LYS B 139 -11.93 -7.20 -11.64
CA LYS B 139 -12.58 -7.01 -12.94
C LYS B 139 -13.22 -5.63 -13.02
N ALA B 140 -13.80 -5.16 -11.91
CA ALA B 140 -14.40 -3.84 -11.89
C ALA B 140 -13.34 -2.76 -12.08
N ALA B 141 -12.11 -3.01 -11.61
CA ALA B 141 -11.01 -2.09 -11.81
C ALA B 141 -10.46 -2.10 -13.23
N GLY B 142 -10.86 -3.07 -14.07
CA GLY B 142 -10.35 -3.17 -15.43
C GLY B 142 -9.03 -3.93 -15.54
N VAL B 143 -8.70 -4.78 -14.56
CA VAL B 143 -7.52 -5.61 -14.66
C VAL B 143 -7.76 -6.69 -15.72
N LYS B 144 -6.78 -6.80 -16.62
CA LYS B 144 -6.84 -7.69 -17.77
C LYS B 144 -6.64 -9.15 -17.42
N THR B 145 -5.76 -9.48 -16.45
CA THR B 145 -5.50 -10.87 -16.10
C THR B 145 -5.68 -11.09 -14.60
N VAL B 146 -6.61 -12.00 -14.25
CA VAL B 146 -6.85 -12.35 -12.86
C VAL B 146 -6.65 -13.85 -12.64
N VAL B 147 -5.71 -14.16 -11.75
CA VAL B 147 -5.40 -15.51 -11.36
C VAL B 147 -6.01 -15.72 -9.98
N ALA B 148 -6.71 -16.84 -9.79
CA ALA B 148 -7.37 -17.12 -8.54
C ALA B 148 -6.95 -18.50 -7.98
N CYS B 149 -6.69 -18.55 -6.68
CA CYS B 149 -6.38 -19.79 -5.98
C CYS B 149 -7.30 -20.00 -4.79
N SER B 150 -7.66 -21.26 -4.54
CA SER B 150 -8.28 -21.67 -3.29
C SER B 150 -7.76 -23.06 -2.95
N SER B 151 -7.68 -23.33 -1.64
CA SER B 151 -7.11 -24.56 -1.11
C SER B 151 -7.93 -25.77 -1.54
N PRO B 152 -7.28 -26.88 -1.95
CA PRO B 152 -7.99 -28.16 -2.01
C PRO B 152 -8.67 -28.33 -0.66
N PHE B 153 -9.95 -28.69 -0.69
CA PHE B 153 -10.79 -28.64 0.49
C PHE B 153 -11.14 -30.05 0.96
N ARG B 154 -10.72 -30.38 2.19
CA ARG B 154 -11.03 -31.65 2.85
C ARG B 154 -10.54 -32.84 2.05
N GLY B 155 -9.33 -32.73 1.50
CA GLY B 155 -8.69 -33.83 0.80
C GLY B 155 -9.26 -34.06 -0.60
N GLN B 156 -10.17 -33.19 -1.06
CA GLN B 156 -10.64 -33.18 -2.44
C GLN B 156 -10.13 -31.91 -3.11
N GLY B 157 -10.80 -31.47 -4.20
CA GLY B 157 -10.33 -30.32 -4.96
C GLY B 157 -10.90 -29.02 -4.38
N ILE B 158 -10.95 -27.97 -5.22
CA ILE B 158 -11.52 -26.69 -4.82
C ILE B 158 -12.98 -26.94 -4.52
N HIS B 159 -13.50 -26.32 -3.47
CA HIS B 159 -14.92 -26.44 -3.16
C HIS B 159 -15.72 -25.96 -4.38
N PRO B 160 -16.75 -26.71 -4.85
CA PRO B 160 -17.43 -26.38 -6.11
C PRO B 160 -18.11 -25.02 -6.16
N HIS B 161 -18.54 -24.50 -5.01
CA HIS B 161 -19.20 -23.20 -4.92
C HIS B 161 -18.19 -22.07 -4.90
N VAL B 162 -16.99 -22.29 -4.32
CA VAL B 162 -15.86 -21.39 -4.47
C VAL B 162 -15.46 -21.29 -5.94
N LEU B 163 -15.42 -22.46 -6.60
CA LEU B 163 -15.07 -22.53 -8.01
C LEU B 163 -16.08 -21.77 -8.86
N TYR B 164 -17.36 -21.96 -8.62
CA TYR B 164 -18.42 -21.27 -9.34
C TYR B 164 -18.26 -19.75 -9.16
N ALA B 165 -18.03 -19.32 -7.91
CA ALA B 165 -17.81 -17.91 -7.61
C ALA B 165 -16.65 -17.30 -8.39
N PHE B 166 -15.50 -17.99 -8.42
CA PHE B 166 -14.35 -17.52 -9.19
C PHE B 166 -14.72 -17.38 -10.67
N GLN B 167 -15.39 -18.41 -11.20
CA GLN B 167 -15.72 -18.46 -12.63
C GLN B 167 -16.71 -17.36 -12.98
N ALA B 168 -17.77 -17.22 -12.19
CA ALA B 168 -18.82 -16.24 -12.48
C ALA B 168 -18.30 -14.82 -12.29
N ALA B 169 -17.36 -14.62 -11.35
CA ALA B 169 -16.81 -13.29 -11.10
C ALA B 169 -15.81 -12.87 -12.17
N GLY B 170 -15.25 -13.82 -12.94
CA GLY B 170 -14.46 -13.49 -14.12
C GLY B 170 -12.98 -13.88 -14.03
N ALA B 171 -12.61 -14.89 -13.21
CA ALA B 171 -11.21 -15.28 -13.13
C ALA B 171 -10.74 -15.83 -14.49
N ASP B 172 -9.50 -15.51 -14.86
CA ASP B 172 -8.92 -15.96 -16.11
C ASP B 172 -8.21 -17.30 -15.93
N VAL B 173 -7.60 -17.50 -14.76
CA VAL B 173 -6.91 -18.75 -14.45
C VAL B 173 -7.33 -19.12 -13.04
N ILE B 174 -7.62 -20.41 -12.81
CA ILE B 174 -7.95 -20.92 -11.48
C ILE B 174 -7.00 -22.06 -11.12
N MET B 175 -6.45 -22.02 -9.91
CA MET B 175 -5.55 -23.04 -9.40
C MET B 175 -6.06 -23.60 -8.08
N ALA B 176 -5.92 -24.93 -7.95
CA ALA B 176 -6.20 -25.65 -6.72
C ALA B 176 -4.94 -25.63 -5.88
N LEU B 177 -4.82 -24.59 -5.03
CA LEU B 177 -3.60 -24.37 -4.28
C LEU B 177 -3.94 -23.55 -3.05
N GLY B 178 -3.42 -23.94 -1.89
CA GLY B 178 -3.78 -23.29 -0.63
C GLY B 178 -2.58 -22.59 0.00
N GLY B 179 -2.87 -21.70 0.95
CA GLY B 179 -1.92 -21.30 1.98
C GLY B 179 -0.73 -20.52 1.43
N VAL B 180 0.39 -20.64 2.14
CA VAL B 180 1.61 -19.91 1.83
C VAL B 180 2.05 -20.26 0.40
N GLN B 181 1.91 -21.54 0.01
CA GLN B 181 2.39 -21.98 -1.29
C GLN B 181 1.55 -21.35 -2.42
N ALA B 182 0.26 -21.07 -2.17
CA ALA B 182 -0.56 -20.33 -3.11
C ALA B 182 -0.08 -18.88 -3.27
N ILE B 183 0.14 -18.19 -2.16
CA ILE B 183 0.53 -16.79 -2.21
C ILE B 183 1.87 -16.64 -2.94
N ALA B 184 2.82 -17.52 -2.59
CA ALA B 184 4.12 -17.54 -3.23
C ALA B 184 4.00 -17.86 -4.72
N SER B 185 3.17 -18.84 -5.09
CA SER B 185 3.05 -19.20 -6.50
C SER B 185 2.49 -18.03 -7.31
N MET B 186 1.52 -17.29 -6.76
CA MET B 186 0.97 -16.17 -7.50
C MET B 186 1.96 -15.02 -7.58
N ALA B 187 2.73 -14.78 -6.52
CA ALA B 187 3.72 -13.72 -6.51
C ALA B 187 4.81 -13.95 -7.56
N TYR B 188 5.22 -15.21 -7.73
CA TYR B 188 6.36 -15.54 -8.60
C TYR B 188 5.90 -16.02 -9.98
N GLY B 189 4.60 -16.21 -10.17
CA GLY B 189 4.09 -16.64 -11.45
C GLY B 189 4.35 -18.12 -11.73
N LEU B 190 4.54 -18.91 -10.65
CA LEU B 190 4.68 -20.36 -10.79
C LEU B 190 3.41 -20.94 -11.40
N PHE B 191 3.62 -21.86 -12.37
CA PHE B 191 2.58 -22.68 -13.00
C PHE B 191 1.86 -21.93 -14.13
N THR B 192 1.83 -20.59 -14.11
CA THR B 192 1.13 -19.84 -15.14
C THR B 192 2.10 -19.10 -16.05
N GLY B 193 3.28 -18.79 -15.51
CA GLY B 193 4.21 -17.90 -16.18
C GLY B 193 3.77 -16.44 -16.13
N LYS B 194 2.79 -16.09 -15.28
CA LYS B 194 2.28 -14.72 -15.17
C LYS B 194 2.41 -14.21 -13.74
N PRO B 195 3.57 -13.66 -13.34
CA PRO B 195 3.77 -13.15 -11.99
C PRO B 195 2.76 -12.03 -11.76
N ALA B 196 2.21 -11.98 -10.55
CA ALA B 196 1.21 -10.98 -10.25
C ALA B 196 1.88 -9.63 -9.99
N ASP B 197 1.15 -8.56 -10.33
CA ASP B 197 1.53 -7.24 -9.91
C ASP B 197 1.05 -6.97 -8.47
N VAL B 198 -0.16 -7.44 -8.16
CA VAL B 198 -0.76 -7.28 -6.84
C VAL B 198 -1.35 -8.64 -6.45
N VAL B 199 -1.12 -9.04 -5.20
CA VAL B 199 -1.74 -10.22 -4.63
C VAL B 199 -2.68 -9.78 -3.53
N VAL B 200 -3.91 -10.32 -3.55
CA VAL B 200 -4.94 -9.92 -2.61
C VAL B 200 -5.61 -11.15 -2.01
N GLY B 201 -6.34 -10.88 -0.94
CA GLY B 201 -7.27 -11.85 -0.40
C GLY B 201 -6.96 -12.19 1.05
N PRO B 202 -7.95 -12.73 1.78
CA PRO B 202 -7.79 -13.00 3.20
C PRO B 202 -7.28 -14.39 3.47
N GLY B 203 -6.90 -14.66 4.71
CA GLY B 203 -6.55 -16.03 5.10
C GLY B 203 -6.10 -16.11 6.55
N ASN B 204 -5.62 -17.31 6.93
CA ASN B 204 -5.18 -17.53 8.29
C ASN B 204 -3.89 -16.71 8.53
N LYS B 205 -3.28 -16.86 9.73
CA LYS B 205 -2.11 -16.08 10.08
C LYS B 205 -0.92 -16.37 9.15
N PHE B 206 -0.85 -17.57 8.58
CA PHE B 206 0.23 -17.95 7.68
C PHE B 206 0.05 -17.27 6.33
N VAL B 207 -1.18 -17.28 5.81
CA VAL B 207 -1.50 -16.65 4.54
C VAL B 207 -1.17 -15.15 4.64
N ALA B 208 -1.66 -14.52 5.72
CA ALA B 208 -1.54 -13.07 5.84
C ALA B 208 -0.08 -12.67 5.97
N GLU B 209 0.67 -13.44 6.77
CA GLU B 209 2.10 -13.19 6.91
C GLU B 209 2.85 -13.42 5.58
N ALA B 210 2.46 -14.41 4.78
CA ALA B 210 3.12 -14.66 3.51
C ALA B 210 2.96 -13.44 2.59
N LYS B 211 1.74 -12.89 2.52
CA LYS B 211 1.52 -11.70 1.72
C LYS B 211 2.34 -10.53 2.28
N ARG B 212 2.36 -10.34 3.60
CA ARG B 212 3.11 -9.25 4.21
C ARG B 212 4.61 -9.34 3.84
N SER B 213 5.13 -10.57 3.87
CA SER B 213 6.53 -10.84 3.58
CA SER B 213 6.54 -10.83 3.58
C SER B 213 6.88 -10.59 2.11
N LEU B 214 5.93 -10.88 1.20
CA LEU B 214 6.19 -10.81 -0.22
C LEU B 214 5.95 -9.41 -0.77
N TYR B 215 5.44 -8.51 0.07
CA TYR B 215 5.32 -7.11 -0.30
C TYR B 215 6.67 -6.61 -0.80
N GLY B 216 6.65 -5.89 -1.93
CA GLY B 216 7.86 -5.47 -2.61
C GLY B 216 8.04 -6.22 -3.91
N GLN B 217 8.11 -7.55 -3.84
CA GLN B 217 7.95 -8.42 -5.02
C GLN B 217 6.61 -8.11 -5.69
N VAL B 218 5.56 -7.95 -4.87
CA VAL B 218 4.23 -7.62 -5.37
C VAL B 218 3.69 -6.49 -4.50
N GLY B 219 2.69 -5.78 -5.03
CA GLY B 219 1.83 -4.98 -4.18
C GLY B 219 0.81 -5.89 -3.52
N ILE B 220 0.18 -5.37 -2.48
CA ILE B 220 -0.88 -6.11 -1.82
C ILE B 220 -2.04 -5.16 -1.55
N ASP B 221 -3.18 -5.75 -1.14
CA ASP B 221 -4.31 -4.98 -0.66
C ASP B 221 -4.03 -4.51 0.76
N VAL B 222 -4.04 -5.45 1.71
CA VAL B 222 -3.87 -5.14 3.11
C VAL B 222 -3.59 -6.44 3.86
N PHE B 223 -2.99 -6.33 5.05
CA PHE B 223 -2.88 -7.46 5.96
C PHE B 223 -4.27 -7.89 6.43
N ALA B 224 -4.73 -9.07 5.97
CA ALA B 224 -6.09 -9.53 6.17
C ALA B 224 -6.07 -10.92 6.77
N GLY B 225 -5.92 -10.94 8.10
CA GLY B 225 -5.77 -12.17 8.86
C GLY B 225 -7.05 -12.55 9.58
N PRO B 226 -6.94 -13.40 10.63
CA PRO B 226 -8.11 -13.87 11.36
C PRO B 226 -9.12 -12.77 11.69
N SER B 227 -10.41 -13.08 11.44
CA SER B 227 -11.48 -12.08 11.46
C SER B 227 -11.67 -11.51 12.86
N GLU B 228 -12.02 -10.23 12.90
CA GLU B 228 -12.20 -9.52 14.15
C GLU B 228 -13.55 -8.85 14.09
N VAL B 229 -14.20 -8.67 15.23
CA VAL B 229 -15.41 -7.88 15.27
C VAL B 229 -15.41 -7.06 16.54
N ALA B 230 -15.83 -5.80 16.38
CA ALA B 230 -16.07 -4.91 17.50
C ALA B 230 -17.48 -4.32 17.39
N VAL B 231 -18.14 -4.17 18.55
CA VAL B 231 -19.45 -3.56 18.64
C VAL B 231 -19.36 -2.44 19.65
N ILE B 232 -19.82 -1.26 19.23
CA ILE B 232 -20.06 -0.13 20.13
C ILE B 232 -21.55 -0.11 20.44
N ALA B 233 -21.90 -0.08 21.74
CA ALA B 233 -23.31 -0.14 22.14
C ALA B 233 -23.57 0.80 23.31
N ASP B 234 -24.72 1.49 23.26
CA ASP B 234 -25.20 2.26 24.40
C ASP B 234 -26.42 1.53 24.97
N GLU B 235 -27.16 2.21 25.87
CA GLU B 235 -28.24 1.58 26.59
C GLU B 235 -29.44 1.27 25.68
N THR B 236 -29.48 1.80 24.44
CA THR B 236 -30.58 1.56 23.51
C THR B 236 -30.38 0.25 22.75
N ALA B 237 -29.19 -0.37 22.88
CA ALA B 237 -28.88 -1.57 22.14
C ALA B 237 -29.63 -2.77 22.72
N ASP B 238 -29.83 -3.78 21.86
CA ASP B 238 -30.48 -5.02 22.21
C ASP B 238 -29.41 -6.06 22.50
N PRO B 239 -29.27 -6.52 23.77
CA PRO B 239 -28.18 -7.44 24.11
C PRO B 239 -28.19 -8.74 23.31
N ALA B 240 -29.38 -9.22 22.94
CA ALA B 240 -29.50 -10.49 22.23
C ALA B 240 -28.84 -10.39 20.85
N ILE B 241 -29.04 -9.24 20.22
CA ILE B 241 -28.51 -8.98 18.88
C ILE B 241 -27.01 -8.70 18.97
N VAL B 242 -26.58 -7.90 19.96
CA VAL B 242 -25.13 -7.67 20.14
C VAL B 242 -24.41 -9.00 20.33
N ALA B 243 -24.96 -9.85 21.22
CA ALA B 243 -24.32 -11.13 21.55
C ALA B 243 -24.22 -12.04 20.31
N SER B 244 -25.33 -12.09 19.56
CA SER B 244 -25.40 -12.83 18.32
C SER B 244 -24.28 -12.38 17.37
N ASP B 245 -24.12 -11.06 17.22
CA ASP B 245 -23.19 -10.50 16.26
C ASP B 245 -21.73 -10.83 16.64
N LEU B 246 -21.43 -10.85 17.94
CA LEU B 246 -20.11 -11.20 18.43
C LEU B 246 -19.78 -12.66 18.12
N VAL B 247 -20.74 -13.53 18.45
CA VAL B 247 -20.61 -14.95 18.23
C VAL B 247 -20.44 -15.24 16.73
N GLY B 248 -21.17 -14.50 15.89
CA GLY B 248 -21.16 -14.70 14.45
C GLY B 248 -19.74 -14.74 13.90
N GLN B 249 -18.87 -13.82 14.34
CA GLN B 249 -17.50 -13.79 13.81
C GLN B 249 -16.54 -14.60 14.68
N ALA B 250 -16.87 -14.80 15.96
CA ALA B 250 -16.08 -15.71 16.80
C ALA B 250 -15.98 -17.11 16.20
N GLU B 251 -16.97 -17.58 15.43
CA GLU B 251 -16.93 -18.93 14.89
C GLU B 251 -15.84 -19.08 13.82
N HIS B 252 -15.20 -17.98 13.39
CA HIS B 252 -14.20 -18.03 12.32
C HIS B 252 -13.02 -18.92 12.71
N GLY B 253 -12.70 -18.92 14.01
CA GLY B 253 -11.60 -19.75 14.47
C GLY B 253 -11.12 -19.29 15.84
N HIS B 254 -10.19 -20.06 16.40
CA HIS B 254 -9.78 -19.91 17.80
C HIS B 254 -9.09 -18.57 18.02
N GLU B 255 -8.62 -17.92 16.94
CA GLU B 255 -7.85 -16.68 17.06
C GLU B 255 -8.66 -15.40 16.79
N SER B 256 -10.00 -15.49 16.64
CA SER B 256 -10.80 -14.37 16.19
C SER B 256 -11.29 -13.56 17.39
N PRO B 257 -10.81 -12.30 17.58
CA PRO B 257 -11.31 -11.48 18.68
C PRO B 257 -12.67 -10.87 18.42
N ALA B 258 -13.45 -10.85 19.49
CA ALA B 258 -14.74 -10.20 19.57
C ALA B 258 -14.67 -9.22 20.73
N TRP B 259 -14.85 -7.93 20.41
CA TRP B 259 -14.71 -6.84 21.35
C TRP B 259 -16.02 -6.07 21.52
N LEU B 260 -16.37 -5.74 22.77
CA LEU B 260 -17.52 -4.91 23.06
C LEU B 260 -17.07 -3.68 23.84
N PHE B 261 -17.37 -2.51 23.28
CA PHE B 261 -17.14 -1.20 23.86
C PHE B 261 -18.52 -0.65 24.19
N THR B 262 -18.78 -0.32 25.46
CA THR B 262 -20.11 0.16 25.81
C THR B 262 -20.02 1.19 26.91
N THR B 263 -21.06 2.04 26.95
CA THR B 263 -21.28 2.95 28.06
C THR B 263 -22.31 2.40 29.05
N SER B 264 -22.86 1.19 28.81
CA SER B 264 -23.91 0.64 29.66
C SER B 264 -23.46 -0.65 30.34
N ARG B 265 -23.29 -0.60 31.67
CA ARG B 265 -22.91 -1.79 32.41
C ARG B 265 -23.97 -2.87 32.30
N ASP B 266 -25.26 -2.49 32.27
CA ASP B 266 -26.34 -3.46 32.15
CA ASP B 266 -26.33 -3.47 32.16
C ASP B 266 -26.19 -4.24 30.84
N LEU B 267 -25.97 -3.50 29.73
CA LEU B 267 -25.79 -4.12 28.43
C LEU B 267 -24.59 -5.08 28.48
N ALA B 268 -23.46 -4.62 29.02
CA ALA B 268 -22.25 -5.43 29.11
C ALA B 268 -22.53 -6.75 29.85
N ASP B 269 -23.24 -6.65 30.99
CA ASP B 269 -23.52 -7.80 31.84
C ASP B 269 -24.41 -8.81 31.11
N ARG B 270 -25.45 -8.32 30.44
CA ARG B 270 -26.36 -9.20 29.74
C ARG B 270 -25.64 -9.91 28.59
N VAL B 271 -24.80 -9.18 27.86
CA VAL B 271 -24.05 -9.75 26.75
C VAL B 271 -23.08 -10.82 27.24
N MET B 272 -22.35 -10.55 28.33
CA MET B 272 -21.41 -11.53 28.86
C MET B 272 -22.11 -12.81 29.32
N ALA B 273 -23.38 -12.71 29.74
CA ALA B 273 -24.16 -13.89 30.08
C ALA B 273 -24.64 -14.61 28.84
N LEU B 274 -25.02 -13.87 27.79
CA LEU B 274 -25.67 -14.42 26.63
C LEU B 274 -24.66 -15.12 25.70
N VAL B 275 -23.45 -14.57 25.57
CA VAL B 275 -22.53 -15.07 24.56
C VAL B 275 -22.24 -16.54 24.79
N PRO B 276 -21.86 -16.99 26.02
CA PRO B 276 -21.64 -18.41 26.26
C PRO B 276 -22.83 -19.29 25.90
N GLU B 277 -24.03 -18.80 26.23
CA GLU B 277 -25.27 -19.53 25.98
C GLU B 277 -25.48 -19.74 24.47
N LEU B 278 -25.23 -18.69 23.66
CA LEU B 278 -25.36 -18.81 22.21
C LEU B 278 -24.29 -19.74 21.64
N ILE B 279 -23.07 -19.65 22.16
CA ILE B 279 -22.00 -20.51 21.68
C ILE B 279 -22.40 -21.97 21.93
N ALA B 280 -22.98 -22.23 23.11
CA ALA B 280 -23.28 -23.60 23.51
C ALA B 280 -24.26 -24.28 22.55
N LYS B 281 -25.05 -23.47 21.82
CA LYS B 281 -26.10 -23.92 20.93
C LYS B 281 -25.61 -24.10 19.49
N LEU B 282 -24.33 -23.81 19.24
CA LEU B 282 -23.78 -23.95 17.91
C LEU B 282 -23.46 -25.41 17.61
N PRO B 283 -23.40 -25.78 16.33
CA PRO B 283 -22.91 -27.09 15.92
C PRO B 283 -21.42 -27.24 16.21
N PRO B 284 -20.90 -28.49 16.24
CA PRO B 284 -19.58 -28.77 16.83
C PRO B 284 -18.38 -27.93 16.36
N THR B 285 -18.17 -27.78 15.06
CA THR B 285 -16.98 -27.09 14.57
C THR B 285 -16.98 -25.63 15.02
N ALA B 286 -18.09 -24.94 14.80
CA ALA B 286 -18.26 -23.55 15.23
C ALA B 286 -18.18 -23.42 16.74
N ARG B 287 -18.76 -24.37 17.48
CA ARG B 287 -18.77 -24.30 18.93
C ARG B 287 -17.35 -24.35 19.47
N ASP B 288 -16.53 -25.22 18.87
CA ASP B 288 -15.14 -25.36 19.28
C ASP B 288 -14.36 -24.07 19.02
N ALA B 289 -14.55 -23.49 17.82
CA ALA B 289 -13.84 -22.28 17.44
C ALA B 289 -14.24 -21.12 18.35
N ALA B 290 -15.55 -20.91 18.51
CA ALA B 290 -16.04 -19.74 19.22
C ALA B 290 -15.77 -19.86 20.72
N THR B 291 -15.80 -21.07 21.27
CA THR B 291 -15.55 -21.23 22.70
C THR B 291 -14.13 -20.71 23.00
N ALA B 292 -13.14 -21.16 22.23
CA ALA B 292 -11.74 -20.79 22.44
C ALA B 292 -11.52 -19.30 22.14
N ALA B 293 -12.12 -18.82 21.04
CA ALA B 293 -11.99 -17.43 20.63
C ALA B 293 -12.49 -16.50 21.71
N TRP B 294 -13.71 -16.74 22.20
CA TRP B 294 -14.29 -15.85 23.20
C TRP B 294 -13.46 -15.91 24.50
N ARG B 295 -13.10 -17.12 24.91
CA ARG B 295 -12.38 -17.30 26.16
C ARG B 295 -11.04 -16.55 26.09
N ASP B 296 -10.27 -16.79 25.03
CA ASP B 296 -8.87 -16.35 24.91
C ASP B 296 -8.71 -14.92 24.38
N TYR B 297 -9.59 -14.48 23.45
CA TYR B 297 -9.39 -13.21 22.77
C TYR B 297 -10.55 -12.22 22.99
N GLY B 298 -11.67 -12.66 23.57
CA GLY B 298 -12.83 -11.81 23.74
C GLY B 298 -12.60 -10.76 24.83
N GLU B 299 -13.08 -9.54 24.60
CA GLU B 299 -12.96 -8.48 25.59
C GLU B 299 -14.19 -7.59 25.64
N VAL B 300 -14.46 -7.08 26.86
CA VAL B 300 -15.60 -6.21 27.13
C VAL B 300 -15.09 -5.01 27.93
N ILE B 301 -15.28 -3.81 27.38
CA ILE B 301 -14.74 -2.59 27.97
C ILE B 301 -15.89 -1.63 28.26
N LEU B 302 -15.99 -1.21 29.53
CA LEU B 302 -16.98 -0.24 29.94
C LEU B 302 -16.35 1.15 30.03
N CYS B 303 -16.97 2.13 29.37
CA CYS B 303 -16.47 3.50 29.31
C CYS B 303 -17.50 4.48 29.88
N GLY B 304 -17.02 5.63 30.38
CA GLY B 304 -17.90 6.59 31.00
C GLY B 304 -18.56 7.54 29.98
N THR B 305 -17.91 7.83 28.84
CA THR B 305 -18.39 8.83 27.90
C THR B 305 -18.24 8.30 26.47
N ARG B 306 -18.98 8.91 25.55
CA ARG B 306 -18.84 8.58 24.13
C ARG B 306 -17.40 8.82 23.66
N GLU B 307 -16.79 9.90 24.18
CA GLU B 307 -15.44 10.28 23.76
C GLU B 307 -14.44 9.21 24.15
N GLU B 308 -14.62 8.60 25.32
CA GLU B 308 -13.78 7.49 25.77
C GLU B 308 -13.92 6.29 24.83
N VAL B 309 -15.15 6.01 24.39
CA VAL B 309 -15.40 4.90 23.49
C VAL B 309 -14.64 5.13 22.18
N VAL B 310 -14.71 6.35 21.64
CA VAL B 310 -14.02 6.70 20.40
C VAL B 310 -12.51 6.47 20.56
N GLU B 311 -11.96 6.88 21.70
CA GLU B 311 -10.54 6.75 21.94
C GLU B 311 -10.13 5.28 21.93
N ILE B 312 -10.91 4.45 22.64
CA ILE B 312 -10.60 3.03 22.77
C ILE B 312 -10.80 2.34 21.42
N SER B 313 -11.93 2.64 20.76
CA SER B 313 -12.21 2.03 19.46
C SER B 313 -11.10 2.33 18.46
N ASP B 314 -10.69 3.59 18.39
CA ASP B 314 -9.62 4.01 17.48
C ASP B 314 -8.32 3.28 17.78
N ARG B 315 -8.01 3.07 19.06
CA ARG B 315 -6.81 2.34 19.45
C ARG B 315 -6.90 0.87 19.04
N TYR B 316 -8.07 0.23 19.17
CA TYR B 316 -8.22 -1.15 18.78
C TYR B 316 -8.19 -1.32 17.26
N ALA B 317 -8.72 -0.34 16.53
CA ALA B 317 -8.70 -0.30 15.08
C ALA B 317 -9.20 -1.63 14.50
N SER B 318 -10.44 -1.99 14.83
CA SER B 318 -11.03 -3.28 14.46
C SER B 318 -11.27 -3.39 12.95
N GLU B 319 -11.11 -4.62 12.43
CA GLU B 319 -11.49 -4.97 11.07
C GLU B 319 -12.93 -4.51 10.79
N HIS B 320 -13.86 -4.85 11.68
CA HIS B 320 -15.26 -4.55 11.51
C HIS B 320 -15.76 -3.86 12.79
N LEU B 321 -16.57 -2.84 12.64
CA LEU B 321 -17.05 -2.05 13.76
C LEU B 321 -18.55 -1.80 13.56
N GLU B 322 -19.37 -2.39 14.43
CA GLU B 322 -20.80 -2.14 14.45
C GLU B 322 -21.08 -1.07 15.52
N VAL B 323 -22.06 -0.20 15.24
CA VAL B 323 -22.47 0.86 16.14
C VAL B 323 -23.98 0.76 16.40
N HIS B 324 -24.34 0.30 17.60
CA HIS B 324 -25.73 0.21 18.03
C HIS B 324 -25.97 1.26 19.11
N THR B 325 -26.21 2.50 18.67
CA THR B 325 -26.35 3.65 19.55
C THR B 325 -27.42 4.58 18.97
N ALA B 326 -27.82 5.53 19.79
CA ALA B 326 -28.47 6.75 19.33
C ALA B 326 -27.45 7.62 18.60
N ASP B 327 -27.95 8.59 17.81
CA ASP B 327 -27.18 9.65 17.21
C ASP B 327 -26.03 9.09 16.35
N LEU B 328 -26.37 8.27 15.34
CA LEU B 328 -25.36 7.58 14.55
C LEU B 328 -24.51 8.55 13.74
N ASP B 329 -25.07 9.70 13.33
CA ASP B 329 -24.31 10.72 12.62
C ASP B 329 -23.06 11.12 13.40
N TRP B 330 -23.14 11.19 14.74
CA TRP B 330 -22.01 11.61 15.57
C TRP B 330 -20.88 10.56 15.48
N TRP B 331 -21.26 9.30 15.44
CA TRP B 331 -20.28 8.22 15.43
C TRP B 331 -19.57 8.17 14.07
N LEU B 332 -20.33 8.34 12.99
CA LEU B 332 -19.76 8.40 11.65
C LEU B 332 -18.78 9.56 11.57
N ALA B 333 -19.13 10.69 12.20
CA ALA B 333 -18.27 11.86 12.12
C ALA B 333 -17.02 11.72 12.98
N ASN B 334 -17.04 10.95 14.09
CA ASN B 334 -15.95 10.99 15.06
C ASN B 334 -15.04 9.75 15.09
N LEU B 335 -15.51 8.60 14.61
CA LEU B 335 -14.66 7.41 14.58
C LEU B 335 -13.65 7.53 13.42
N THR B 336 -12.41 7.08 13.60
CA THR B 336 -11.44 7.26 12.51
C THR B 336 -10.64 6.00 12.17
N CYS B 337 -10.61 4.96 13.01
CA CYS B 337 -9.79 3.80 12.71
C CYS B 337 -10.67 2.54 12.81
N TYR B 338 -11.00 1.98 11.64
CA TYR B 338 -11.75 0.75 11.52
C TYR B 338 -11.63 0.33 10.06
N GLY B 339 -11.89 -0.94 9.78
CA GLY B 339 -11.89 -1.38 8.41
C GLY B 339 -13.18 -1.00 7.70
N SER B 340 -14.28 -1.47 8.28
CA SER B 340 -15.59 -1.29 7.71
C SER B 340 -16.58 -1.03 8.86
N LEU B 341 -17.42 -0.01 8.67
CA LEU B 341 -18.35 0.47 9.68
C LEU B 341 -19.79 0.07 9.35
N PHE B 342 -20.49 -0.42 10.37
CA PHE B 342 -21.87 -0.87 10.26
C PHE B 342 -22.70 -0.02 11.21
N LEU B 343 -23.44 0.93 10.65
CA LEU B 343 -24.13 1.93 11.44
C LEU B 343 -25.56 1.47 11.65
N GLY B 344 -25.93 1.31 12.93
CA GLY B 344 -27.27 0.93 13.31
C GLY B 344 -27.38 -0.58 13.46
N GLU B 345 -28.48 -1.05 14.04
CA GLU B 345 -28.69 -2.45 14.32
C GLU B 345 -29.04 -3.25 13.07
N GLU B 346 -29.60 -2.58 12.04
CA GLU B 346 -30.25 -3.28 10.95
C GLU B 346 -29.23 -4.05 10.12
N THR B 347 -28.14 -3.39 9.71
CA THR B 347 -27.05 -4.05 9.04
C THR B 347 -26.18 -4.76 10.10
N THR B 348 -25.30 -5.64 9.61
CA THR B 348 -24.50 -6.46 10.49
C THR B 348 -23.34 -7.02 9.69
N VAL B 349 -22.30 -7.48 10.39
CA VAL B 349 -21.08 -7.90 9.75
C VAL B 349 -21.34 -9.00 8.74
N ALA B 350 -22.17 -10.01 9.08
CA ALA B 350 -22.39 -11.11 8.15
C ALA B 350 -23.00 -10.61 6.83
N PHE B 351 -23.83 -9.57 6.86
CA PHE B 351 -24.35 -8.99 5.63
C PHE B 351 -23.20 -8.45 4.77
N GLY B 352 -22.27 -7.73 5.41
CA GLY B 352 -21.10 -7.23 4.71
C GLY B 352 -20.21 -8.37 4.20
N ASP B 353 -20.11 -9.45 4.97
CA ASP B 353 -19.33 -10.59 4.57
C ASP B 353 -19.81 -11.16 3.23
N LYS B 354 -21.14 -11.24 3.03
CA LYS B 354 -21.66 -12.02 1.92
C LYS B 354 -22.19 -11.17 0.76
N THR B 355 -22.89 -10.06 1.03
CA THR B 355 -23.68 -9.48 -0.08
C THR B 355 -24.07 -8.00 0.02
N SER B 356 -23.71 -7.26 1.09
CA SER B 356 -24.07 -5.84 1.17
C SER B 356 -23.57 -5.06 -0.05
N GLY B 357 -22.30 -5.30 -0.39
CA GLY B 357 -21.65 -4.59 -1.49
C GLY B 357 -20.19 -4.24 -1.16
N PRO B 358 -19.91 -3.44 -0.11
CA PRO B 358 -18.53 -3.11 0.23
C PRO B 358 -17.71 -4.37 0.48
N ASN B 359 -16.42 -4.27 0.17
CA ASN B 359 -15.55 -5.43 0.24
C ASN B 359 -15.41 -5.90 1.68
N HIS B 360 -15.35 -7.23 1.88
CA HIS B 360 -15.12 -7.77 3.21
C HIS B 360 -13.62 -7.99 3.48
N VAL B 361 -12.77 -7.94 2.46
CA VAL B 361 -11.35 -8.24 2.68
C VAL B 361 -10.74 -6.99 3.32
N LEU B 362 -10.47 -7.08 4.64
CA LEU B 362 -10.25 -5.92 5.49
C LEU B 362 -9.05 -6.08 6.42
N PRO B 363 -8.46 -4.93 6.86
CA PRO B 363 -7.28 -4.93 7.72
C PRO B 363 -7.56 -5.53 9.09
N THR B 364 -6.61 -6.36 9.56
CA THR B 364 -6.64 -6.91 10.89
C THR B 364 -5.32 -6.55 11.58
N LYS B 365 -5.25 -6.89 12.87
CA LYS B 365 -4.05 -6.68 13.68
C LYS B 365 -3.61 -5.21 13.62
N GLY B 366 -4.56 -4.28 13.69
CA GLY B 366 -4.27 -2.86 13.78
C GLY B 366 -3.93 -2.19 12.43
N ALA B 367 -4.03 -2.90 11.30
CA ALA B 367 -3.72 -2.29 10.02
C ALA B 367 -4.72 -1.21 9.60
N ALA B 368 -5.90 -1.15 10.24
CA ALA B 368 -6.86 -0.09 9.98
C ALA B 368 -6.36 1.28 10.45
N ARG B 369 -5.26 1.32 11.19
CA ARG B 369 -4.62 2.60 11.49
C ARG B 369 -4.09 3.28 10.23
N TYR B 370 -3.81 2.51 9.17
CA TYR B 370 -3.21 3.12 8.00
C TYR B 370 -3.85 2.70 6.67
N SER B 371 -4.80 1.75 6.65
CA SER B 371 -5.40 1.35 5.38
C SER B 371 -6.84 0.93 5.59
N GLY B 372 -7.67 1.18 4.57
CA GLY B 372 -8.91 0.46 4.38
C GLY B 372 -8.67 -0.90 3.72
N GLY B 373 -9.77 -1.50 3.28
CA GLY B 373 -9.73 -2.87 2.80
C GLY B 373 -9.40 -2.93 1.31
N LEU B 374 -9.45 -4.14 0.79
CA LEU B 374 -9.44 -4.35 -0.64
C LEU B 374 -10.52 -3.48 -1.27
N SER B 375 -10.15 -2.85 -2.37
CA SER B 375 -11.05 -2.07 -3.20
C SER B 375 -10.41 -1.90 -4.56
N VAL B 376 -11.14 -1.28 -5.49
CA VAL B 376 -10.54 -0.97 -6.78
C VAL B 376 -9.33 -0.08 -6.61
N HIS B 377 -9.27 0.70 -5.53
CA HIS B 377 -8.17 1.61 -5.30
C HIS B 377 -6.86 0.85 -5.11
N LYS B 378 -6.91 -0.40 -4.67
CA LYS B 378 -5.69 -1.19 -4.53
C LYS B 378 -5.18 -1.70 -5.87
N PHE B 379 -5.98 -1.56 -6.93
CA PHE B 379 -5.61 -2.04 -8.26
C PHE B 379 -5.28 -0.91 -9.23
N MET B 380 -5.41 0.34 -8.76
CA MET B 380 -5.13 1.48 -9.60
C MET B 380 -3.81 2.11 -9.17
N LYS B 381 -2.97 2.39 -10.15
CA LYS B 381 -1.78 3.19 -9.90
C LYS B 381 -2.12 4.64 -10.17
N THR B 382 -1.69 5.51 -9.26
CA THR B 382 -1.84 6.94 -9.48
CA THR B 382 -1.84 6.94 -9.45
C THR B 382 -0.45 7.49 -9.75
N LEU B 383 -0.21 7.76 -11.05
CA LEU B 383 1.10 8.16 -11.54
C LEU B 383 1.05 9.64 -11.92
N THR B 384 2.19 10.30 -11.88
CA THR B 384 2.24 11.70 -12.24
C THR B 384 2.98 11.90 -13.55
N TRP B 385 2.62 13.00 -14.22
CA TRP B 385 3.30 13.43 -15.42
C TRP B 385 3.42 14.95 -15.41
N GLN B 386 4.39 15.46 -16.16
CA GLN B 386 4.58 16.89 -16.30
C GLN B 386 5.17 17.25 -17.65
N GLN B 387 4.97 18.52 -18.02
CA GLN B 387 5.46 19.07 -19.28
C GLN B 387 5.64 20.57 -19.08
N MET B 388 6.68 21.13 -19.68
CA MET B 388 6.94 22.55 -19.48
C MET B 388 7.15 23.26 -20.80
N THR B 389 6.84 24.55 -20.79
CA THR B 389 7.33 25.44 -21.84
C THR B 389 8.78 25.78 -21.58
N ARG B 390 9.50 26.26 -22.61
CA ARG B 390 10.83 26.76 -22.38
C ARG B 390 10.82 27.93 -21.38
N GLU B 391 9.83 28.81 -21.49
CA GLU B 391 9.73 29.95 -20.58
C GLU B 391 9.72 29.51 -19.10
N ALA B 392 8.98 28.45 -18.78
CA ALA B 392 8.87 27.93 -17.43
C ALA B 392 10.22 27.51 -16.84
N THR B 393 11.13 27.01 -17.69
CA THR B 393 12.42 26.51 -17.25
C THR B 393 13.35 27.62 -16.76
N ARG B 394 13.08 28.89 -17.06
CA ARG B 394 13.90 29.98 -16.57
C ARG B 394 13.85 30.02 -15.04
N GLN B 395 12.67 29.92 -14.46
CA GLN B 395 12.54 29.92 -13.02
C GLN B 395 12.88 28.52 -12.48
N ILE B 396 12.26 27.50 -13.07
CA ILE B 396 12.38 26.16 -12.50
C ILE B 396 13.83 25.71 -12.56
N GLY B 397 14.51 26.06 -13.66
CA GLY B 397 15.87 25.65 -13.89
C GLY B 397 16.86 26.30 -12.94
N GLN B 398 16.67 27.62 -12.69
CA GLN B 398 17.64 28.26 -11.81
C GLN B 398 17.45 27.78 -10.38
N VAL B 399 16.19 27.55 -9.95
CA VAL B 399 15.97 27.04 -8.61
C VAL B 399 16.54 25.63 -8.49
N THR B 400 16.32 24.81 -9.52
CA THR B 400 16.86 23.45 -9.54
C THR B 400 18.38 23.47 -9.38
N ALA B 401 19.06 24.33 -10.15
CA ALA B 401 20.51 24.38 -10.17
C ALA B 401 21.02 24.81 -8.80
N ARG B 402 20.40 25.83 -8.21
CA ARG B 402 20.84 26.33 -6.91
C ARG B 402 20.64 25.27 -5.82
N ILE B 403 19.44 24.67 -5.72
CA ILE B 403 19.17 23.69 -4.69
C ILE B 403 20.07 22.47 -4.89
N SER B 404 20.24 22.02 -6.14
CA SER B 404 21.10 20.88 -6.44
C SER B 404 22.50 21.12 -5.90
N ARG B 405 23.04 22.31 -6.16
CA ARG B 405 24.40 22.61 -5.73
C ARG B 405 24.49 22.74 -4.20
N LEU B 406 23.42 23.21 -3.54
CA LEU B 406 23.39 23.22 -2.09
C LEU B 406 23.47 21.81 -1.51
N GLU B 407 22.86 20.83 -2.20
CA GLU B 407 22.86 19.44 -1.78
C GLU B 407 24.18 18.73 -2.10
N GLY B 408 24.98 19.31 -2.99
CA GLY B 408 26.24 18.73 -3.45
C GLY B 408 26.08 17.93 -4.76
N MET B 409 24.94 18.09 -5.45
CA MET B 409 24.61 17.34 -6.67
C MET B 409 24.89 18.14 -7.97
N GLU B 410 26.15 18.13 -8.39
CA GLU B 410 26.58 18.92 -9.52
C GLU B 410 26.02 18.42 -10.84
N ALA B 411 25.94 17.08 -11.07
CA ALA B 411 25.41 16.59 -12.35
C ALA B 411 23.95 17.00 -12.52
N HIS B 412 23.20 17.02 -11.40
CA HIS B 412 21.82 17.48 -11.45
C HIS B 412 21.78 18.92 -11.95
N ALA B 413 22.63 19.78 -11.37
CA ALA B 413 22.64 21.18 -11.74
C ALA B 413 23.01 21.35 -13.22
N ARG B 414 23.91 20.51 -13.71
CA ARG B 414 24.36 20.64 -15.10
C ARG B 414 23.23 20.38 -16.10
N THR B 415 22.23 19.56 -15.74
CA THR B 415 21.10 19.32 -16.63
C THR B 415 20.28 20.60 -16.76
N ALA B 416 20.28 21.44 -15.71
CA ALA B 416 19.65 22.74 -15.76
C ALA B 416 20.50 23.76 -16.53
N ASP B 417 21.80 23.80 -16.23
CA ASP B 417 22.73 24.69 -16.93
C ASP B 417 22.61 24.46 -18.44
N ASP B 418 22.53 23.19 -18.84
CA ASP B 418 22.50 22.79 -20.24
C ASP B 418 21.25 23.31 -20.95
N ARG B 419 20.10 23.21 -20.28
CA ARG B 419 18.89 23.73 -20.87
C ARG B 419 18.96 25.24 -20.96
N MET B 420 19.53 25.89 -19.94
CA MET B 420 19.53 27.35 -19.94
C MET B 420 20.40 27.86 -21.09
N ALA B 421 21.54 27.21 -21.30
CA ALA B 421 22.46 27.56 -22.36
C ALA B 421 21.86 27.29 -23.74
N LYS B 422 21.06 26.23 -23.88
CA LYS B 422 20.45 25.87 -25.14
C LYS B 422 19.30 26.81 -25.48
N TYR B 423 18.39 27.02 -24.52
CA TYR B 423 17.15 27.72 -24.80
C TYR B 423 17.33 29.24 -24.76
N PHE B 424 18.23 29.73 -23.90
CA PHE B 424 18.38 31.16 -23.61
C PHE B 424 19.86 31.50 -23.55
N PRO B 425 20.57 31.42 -24.70
CA PRO B 425 22.04 31.54 -24.71
C PRO B 425 22.57 32.89 -24.25
N ASN B 426 21.73 33.92 -24.31
CA ASN B 426 22.14 35.24 -23.85
C ASN B 426 21.77 35.51 -22.38
N ALA B 427 21.00 34.63 -21.75
CA ALA B 427 20.56 34.85 -20.39
C ALA B 427 21.70 34.60 -19.40
N SER B 428 21.67 35.32 -18.29
CA SER B 428 22.66 35.18 -17.26
C SER B 428 21.92 35.04 -15.93
N PHE B 429 22.04 33.88 -15.28
CA PHE B 429 21.37 33.63 -14.02
C PHE B 429 22.38 33.16 -12.98
N GLU B 430 22.02 33.30 -11.69
CA GLU B 430 22.72 32.69 -10.59
C GLU B 430 22.31 31.22 -10.50
N MET B 431 23.21 30.34 -10.91
CA MET B 431 22.95 28.92 -11.01
C MET B 431 23.63 28.17 -9.86
N GLY B 432 24.25 28.93 -8.95
CA GLY B 432 24.89 28.37 -7.78
C GLY B 432 26.38 28.13 -8.01
N THR B 433 27.15 28.19 -6.92
CA THR B 433 28.58 27.91 -6.98
C THR B 433 28.81 26.45 -7.30
N PRO B 434 29.56 26.10 -8.36
CA PRO B 434 29.77 24.69 -8.68
C PRO B 434 30.41 23.92 -7.53
N VAL B 435 30.02 22.65 -7.45
CA VAL B 435 30.48 21.75 -6.41
C VAL B 435 31.87 21.27 -6.81
N GLU B 436 32.81 21.24 -5.86
CA GLU B 436 34.17 20.85 -6.20
C GLU B 436 34.58 19.53 -5.55
N VAL B 437 33.76 18.97 -4.65
CA VAL B 437 34.08 17.72 -3.96
C VAL B 437 33.11 16.61 -4.41
ZN ZN C . 18.02 13.03 -8.45
PA NAI D . 20.80 7.43 3.32
O1A NAI D . 19.87 6.56 2.55
O2A NAI D . 20.29 8.50 4.24
O5B NAI D . 21.78 6.45 4.17
C5B NAI D . 22.64 6.93 5.20
C4B NAI D . 22.36 6.09 6.42
O4B NAI D . 22.52 4.70 6.03
C3B NAI D . 23.28 6.33 7.62
O3B NAI D . 22.56 6.22 8.84
C2B NAI D . 24.30 5.21 7.41
O2B NAI D . 25.05 4.88 8.56
C1B NAI D . 23.40 4.08 6.94
N9A NAI D . 24.16 3.03 6.28
C8A NAI D . 25.03 3.18 5.22
N7A NAI D . 25.65 2.06 4.89
C5A NAI D . 25.22 1.15 5.84
C6A NAI D . 25.52 -0.21 6.05
N6A NAI D . 26.39 -0.91 5.31
N1A NAI D . 24.89 -0.83 7.06
C2A NAI D . 24.00 -0.13 7.80
N3A NAI D . 23.66 1.15 7.71
C4A NAI D . 24.30 1.74 6.70
O3 NAI D . 21.82 8.14 2.32
PN NAI D . 22.69 7.62 1.07
O1N NAI D . 23.42 6.41 1.52
O2N NAI D . 23.41 8.82 0.58
O5D NAI D . 21.64 7.09 0.01
C5D NAI D . 20.57 7.94 -0.47
C4D NAI D . 19.89 7.14 -1.56
O4D NAI D . 18.53 7.63 -1.72
C3D NAI D . 20.55 7.22 -2.95
O3D NAI D . 20.76 5.91 -3.48
C2D NAI D . 19.53 8.01 -3.76
O2D NAI D . 19.52 7.68 -5.15
C1D NAI D . 18.24 7.53 -3.10
N1N NAI D . 17.05 8.36 -3.40
C2N NAI D . 15.91 7.75 -3.84
C3N NAI D . 14.77 8.45 -4.10
C7N NAI D . 13.54 7.77 -4.60
O7N NAI D . 12.52 8.45 -4.78
N7N NAI D . 13.52 6.46 -4.90
C4N NAI D . 14.76 9.89 -3.77
C5N NAI D . 16.01 10.48 -3.30
C6N NAI D . 17.10 9.73 -3.19
N OCS E . 16.36 11.83 -8.10
CA OCS E . 15.95 11.53 -6.75
CB OCS E . 15.47 12.80 -6.06
SG OCS E . 16.84 13.83 -5.44
C OCS E . 14.84 10.47 -6.80
O OCS E . 15.13 9.31 -7.07
OXT OCS E . 13.70 10.85 -6.65
OD1 OCS E . 17.53 13.11 -4.39
OD2 OCS E . 17.72 14.10 -6.55
OD3 OCS E . 16.29 15.08 -4.92
ZN ZN F . -17.34 -13.54 8.78
PA NAI G . -6.87 -20.74 4.75
O1A NAI G . -7.22 -20.98 3.31
O2A NAI G . -6.43 -19.39 5.17
O5B NAI G . -5.73 -21.77 5.20
C5B NAI G . -5.70 -23.10 4.62
C4B NAI G . -4.32 -23.33 4.04
O4B NAI G . -3.36 -23.07 5.10
C3B NAI G . -4.03 -24.75 3.55
O3B NAI G . -3.21 -24.73 2.39
C2B NAI G . -3.31 -25.36 4.75
O2B NAI G . -2.58 -26.53 4.42
C1B NAI G . -2.48 -24.18 5.21
N9A NAI G . -1.99 -24.31 6.58
C8A NAI G . -2.75 -24.50 7.72
N7A NAI G . -2.04 -24.64 8.81
C5A NAI G . -0.73 -24.58 8.37
C6A NAI G . 0.50 -24.67 9.06
N6A NAI G . 0.59 -24.86 10.36
N1A NAI G . 1.63 -24.52 8.34
C2A NAI G . 1.53 -24.31 7.01
N3A NAI G . 0.43 -24.24 6.26
C4A NAI G . -0.68 -24.38 7.01
O3 NAI G . -8.14 -21.18 5.60
PN NAI G . -8.44 -21.26 7.19
O1N NAI G . -7.28 -21.93 7.83
O2N NAI G . -9.78 -21.85 7.34
O5D NAI G . -8.41 -19.75 7.71
C5D NAI G . -9.22 -18.76 7.08
C4D NAI G . -9.03 -17.50 7.86
O4D NAI G . -9.37 -16.35 7.05
C3D NAI G . -9.86 -17.38 9.14
O3D NAI G . -9.03 -17.04 10.25
C2D NAI G . -10.84 -16.26 8.79
O2D NAI G . -11.23 -15.53 9.93
C1D NAI G . -9.95 -15.40 7.91
N1N NAI G . -10.65 -14.39 7.08
C2N NAI G . -10.30 -13.06 7.17
C3N NAI G . -10.88 -12.09 6.35
C7N NAI G . -10.43 -10.69 6.37
O7N NAI G . -10.98 -9.87 5.60
N7N NAI G . -9.44 -10.34 7.20
C4N NAI G . -11.90 -12.54 5.37
C5N NAI G . -12.26 -13.93 5.41
C6N NAI G . -11.65 -14.79 6.22
N OCS H . -15.89 -12.14 8.29
CA OCS H . -14.96 -12.42 7.23
CB OCS H . -15.65 -12.54 5.84
SG OCS H . -16.37 -14.18 5.64
C OCS H . -14.00 -11.24 7.26
O OCS H . -14.12 -10.37 6.43
OXT OCS H . -13.19 -11.20 8.16
OD1 OCS H . -15.27 -15.21 5.59
OD2 OCS H . -17.26 -14.44 6.78
OD3 OCS H . -17.16 -14.22 4.39
#